data_5CTR
#
_entry.id   5CTR
#
_cell.length_a   115.202
_cell.length_b   115.202
_cell.length_c   306.138
_cell.angle_alpha   90.00
_cell.angle_beta   90.00
_cell.angle_gamma   90.00
#
_symmetry.space_group_name_H-M   'P 43 21 2'
#
loop_
_entity.id
_entity.type
_entity.pdbx_description
1 polymer 'Squamous cell carcinoma antigen recognized by T-cells 3'
2 polymer 'Ubiquitin carboxyl-terminal hydrolase 4'
3 water water
#
loop_
_entity_poly.entity_id
_entity_poly.type
_entity_poly.pdbx_seq_one_letter_code
_entity_poly.pdbx_strand_id
1 'polypeptide(L)'
;GSHMPESVIQNYNKALQQLEKYKPYEEALLQAEAPRLAEYQAYIDFEMKIGDPARIQLIFERALVENCLVPDLWIRYSQY
LDRQLKVKDLVLSVHNRAIRNCPWTVALWSRYLLAMERHGVDHQVISVTFEKALNAGFIQATDYVEIWQAYLDYLRRRVD
FKQDSSKELEELRAAFTRALEYLKQEVEERFNESGDPSCVIMQNWARIEARLCNNMQKARELWDSIMTRGNAKYANMWLE
YYNLERAHGDTQHCRKALHRAVQCTSDYPEHVCEVLLTMERTEGSLEDWDIAVQKTETRLARVNEQRMKAAEKEAALVQQ
EEEKAEQRKRARAEKKAL
;
A,B
2 'polypeptide(L)'
;GSHMAEGGGCRERPDAETQKSELGPLMRTTLQRGAQWYLIDSRWFKQWKKYVGFDSWDMYNVGEHNLFPGPIDNSGLFSD
PESQTLKEHLIDELDYVLVPTEAWNKLLNWYGCVEGQQPIVRKVVEHGLFVKHCKVEVYLLELKLCENSDPTNVLSCHFS
KADTIATIEKEMRKLFNIPAERETRLWNKYMSNTYEQLSKLDNTVQDAGLYQGQVLVIEPQNEDGTWPRQTLQ
;
C,D
#
# COMPACT_ATOMS: atom_id res chain seq x y z
N GLU A 6 -45.41 -9.60 -46.05
CA GLU A 6 -44.33 -8.69 -46.38
C GLU A 6 -44.23 -8.53 -47.88
N SER A 7 -43.64 -7.43 -48.33
CA SER A 7 -43.50 -7.22 -49.76
C SER A 7 -42.22 -7.88 -50.15
N VAL A 8 -42.35 -9.00 -50.83
CA VAL A 8 -41.23 -9.83 -51.13
C VAL A 8 -40.11 -9.12 -51.85
N ILE A 9 -40.41 -8.70 -53.06
CA ILE A 9 -39.38 -8.23 -53.99
C ILE A 9 -38.37 -7.34 -53.27
N GLN A 10 -38.82 -6.57 -52.30
CA GLN A 10 -37.88 -5.75 -51.55
C GLN A 10 -37.09 -6.67 -50.65
N ASN A 11 -37.74 -7.71 -50.14
CA ASN A 11 -37.00 -8.66 -49.35
C ASN A 11 -36.08 -9.40 -50.30
N TYR A 12 -36.53 -9.60 -51.54
CA TYR A 12 -35.66 -10.22 -52.52
C TYR A 12 -34.53 -9.26 -52.95
N ASN A 13 -34.86 -7.98 -53.16
CA ASN A 13 -33.85 -6.99 -53.55
C ASN A 13 -32.80 -6.67 -52.49
N LYS A 14 -33.24 -6.55 -51.24
CA LYS A 14 -32.33 -6.27 -50.13
C LYS A 14 -31.47 -7.47 -49.81
N ALA A 15 -31.99 -8.65 -50.12
CA ALA A 15 -31.24 -9.88 -49.91
C ALA A 15 -30.20 -9.98 -51.02
N LEU A 16 -30.51 -9.42 -52.19
CA LEU A 16 -29.57 -9.38 -53.30
C LEU A 16 -28.44 -8.38 -53.09
N GLN A 17 -28.74 -7.29 -52.39
CA GLN A 17 -27.70 -6.32 -52.07
C GLN A 17 -26.69 -6.90 -51.10
N GLN A 18 -27.20 -7.70 -50.16
CA GLN A 18 -26.35 -8.39 -49.21
C GLN A 18 -25.49 -9.43 -49.94
N LEU A 19 -26.06 -10.06 -50.96
CA LEU A 19 -25.34 -11.09 -51.70
C LEU A 19 -24.17 -10.48 -52.46
N GLU A 20 -24.40 -9.30 -53.02
CA GLU A 20 -23.36 -8.55 -53.73
C GLU A 20 -22.27 -8.04 -52.80
N LYS A 21 -22.69 -7.66 -51.60
CA LYS A 21 -21.80 -7.11 -50.59
C LYS A 21 -20.80 -8.18 -50.10
N TYR A 22 -21.25 -9.42 -49.90
CA TYR A 22 -20.36 -10.48 -49.39
C TYR A 22 -19.63 -11.21 -50.52
N LYS A 23 -20.02 -10.90 -51.75
CA LYS A 23 -19.52 -11.55 -52.96
C LYS A 23 -17.99 -11.44 -53.17
N PRO A 24 -17.37 -10.27 -52.94
CA PRO A 24 -15.91 -10.26 -53.13
C PRO A 24 -15.19 -11.23 -52.20
N TYR A 25 -15.68 -11.31 -50.98
CA TYR A 25 -15.17 -12.19 -49.94
C TYR A 25 -15.39 -13.65 -50.27
N GLU A 26 -16.55 -13.92 -50.88
CA GLU A 26 -16.89 -15.27 -51.26
C GLU A 26 -15.96 -15.73 -52.37
N GLU A 27 -15.56 -14.83 -53.28
CA GLU A 27 -14.64 -15.22 -54.33
C GLU A 27 -13.18 -15.38 -53.87
N ALA A 28 -12.71 -14.50 -52.99
CA ALA A 28 -11.35 -14.59 -52.44
C ALA A 28 -11.11 -15.85 -51.64
N LEU A 29 -12.17 -16.28 -50.95
CA LEU A 29 -12.14 -17.49 -50.11
C LEU A 29 -11.99 -18.66 -51.07
N LEU A 30 -12.69 -18.59 -52.21
CA LEU A 30 -12.66 -19.69 -53.16
C LEU A 30 -11.30 -19.79 -53.86
N GLN A 31 -10.68 -18.67 -54.25
CA GLN A 31 -9.43 -18.80 -55.00
C GLN A 31 -8.21 -19.23 -54.16
N ALA A 32 -8.29 -19.00 -52.86
CA ALA A 32 -7.23 -19.28 -51.87
C ALA A 32 -6.87 -20.73 -51.49
N GLU A 33 -5.90 -20.83 -50.56
CA GLU A 33 -5.28 -22.07 -50.05
C GLU A 33 -6.15 -23.02 -49.22
N ALA A 34 -5.59 -24.18 -48.86
CA ALA A 34 -6.34 -25.23 -48.15
C ALA A 34 -7.01 -24.80 -46.85
N PRO A 35 -6.35 -24.14 -45.90
CA PRO A 35 -7.20 -23.72 -44.79
C PRO A 35 -7.77 -22.33 -45.03
N ARG A 36 -7.18 -21.61 -45.97
CA ARG A 36 -7.60 -20.25 -46.22
C ARG A 36 -7.99 -19.56 -44.93
N LEU A 37 -7.22 -19.82 -43.88
CA LEU A 37 -7.48 -19.24 -42.59
C LEU A 37 -7.39 -17.72 -42.61
N ALA A 38 -6.40 -17.18 -43.30
CA ALA A 38 -6.21 -15.74 -43.39
C ALA A 38 -7.43 -15.12 -44.04
N GLU A 39 -7.91 -15.77 -45.09
CA GLU A 39 -9.12 -15.32 -45.79
C GLU A 39 -10.35 -15.42 -44.91
N TYR A 40 -10.34 -16.38 -43.99
CA TYR A 40 -11.44 -16.52 -43.04
C TYR A 40 -11.39 -15.38 -42.04
N GLN A 41 -10.19 -15.01 -41.61
CA GLN A 41 -10.05 -13.90 -40.66
C GLN A 41 -10.56 -12.59 -41.25
N ALA A 42 -10.25 -12.34 -42.52
CA ALA A 42 -10.72 -11.12 -43.18
C ALA A 42 -12.25 -11.09 -43.23
N TYR A 43 -12.83 -12.26 -43.50
CA TYR A 43 -14.27 -12.45 -43.58
C TYR A 43 -14.88 -12.22 -42.20
N ILE A 44 -14.26 -12.79 -41.17
CA ILE A 44 -14.75 -12.61 -39.81
C ILE A 44 -14.69 -11.15 -39.38
N ASP A 45 -13.58 -10.48 -39.67
CA ASP A 45 -13.44 -9.06 -39.34
C ASP A 45 -14.55 -8.23 -39.97
N PHE A 46 -14.90 -8.56 -41.21
CA PHE A 46 -15.91 -7.82 -41.97
C PHE A 46 -17.29 -8.03 -41.34
N GLU A 47 -17.59 -9.28 -41.02
CA GLU A 47 -18.87 -9.68 -40.44
C GLU A 47 -19.10 -9.09 -39.04
N MET A 48 -18.01 -8.85 -38.33
CA MET A 48 -18.06 -8.23 -37.01
C MET A 48 -18.35 -6.73 -37.07
N LYS A 49 -17.94 -6.08 -38.17
CA LYS A 49 -18.29 -4.68 -38.41
C LYS A 49 -19.79 -4.44 -38.62
N ILE A 50 -20.46 -5.33 -39.34
CA ILE A 50 -21.90 -5.19 -39.56
C ILE A 50 -22.69 -5.53 -38.29
N GLY A 51 -22.23 -6.53 -37.56
CA GLY A 51 -22.72 -6.81 -36.22
C GLY A 51 -24.00 -7.62 -36.21
N ASP A 52 -24.30 -8.28 -37.33
CA ASP A 52 -25.45 -9.18 -37.39
C ASP A 52 -25.13 -10.55 -36.81
N PRO A 53 -25.78 -10.90 -35.68
CA PRO A 53 -25.56 -12.12 -34.90
C PRO A 53 -25.70 -13.43 -35.69
N ALA A 54 -26.67 -13.49 -36.60
CA ALA A 54 -26.88 -14.71 -37.37
C ALA A 54 -25.71 -14.99 -38.29
N ARG A 55 -25.22 -13.94 -38.95
CA ARG A 55 -24.10 -14.07 -39.87
C ARG A 55 -22.76 -14.32 -39.19
N ILE A 56 -22.58 -13.75 -38.01
CA ILE A 56 -21.35 -13.95 -37.29
C ILE A 56 -21.21 -15.39 -36.84
N GLN A 57 -22.29 -15.98 -36.31
CA GLN A 57 -22.23 -17.40 -35.96
C GLN A 57 -21.92 -18.24 -37.19
N LEU A 58 -22.61 -17.94 -38.29
CA LEU A 58 -22.43 -18.71 -39.51
C LEU A 58 -20.98 -18.69 -40.00
N ILE A 59 -20.42 -17.49 -40.13
CA ILE A 59 -19.07 -17.33 -40.65
C ILE A 59 -18.05 -18.03 -39.75
N PHE A 60 -18.24 -17.92 -38.45
CA PHE A 60 -17.35 -18.57 -37.49
C PHE A 60 -17.40 -20.06 -37.68
N GLU A 61 -18.62 -20.59 -37.67
CA GLU A 61 -18.88 -22.00 -37.83
C GLU A 61 -18.28 -22.53 -39.12
N ARG A 62 -18.38 -21.73 -40.18
CA ARG A 62 -17.81 -22.08 -41.47
C ARG A 62 -16.29 -22.20 -41.37
N ALA A 63 -15.65 -21.28 -40.65
CA ALA A 63 -14.21 -21.29 -40.51
C ALA A 63 -13.75 -22.47 -39.65
N LEU A 64 -14.51 -22.78 -38.61
CA LEU A 64 -14.17 -23.87 -37.70
C LEU A 64 -14.28 -25.25 -38.34
N VAL A 65 -14.97 -25.32 -39.46
CA VAL A 65 -15.10 -26.58 -40.20
C VAL A 65 -13.73 -27.00 -40.72
N GLU A 66 -13.00 -26.05 -41.33
CA GLU A 66 -11.66 -26.32 -41.88
C GLU A 66 -10.45 -26.02 -40.99
N ASN A 67 -10.68 -25.28 -39.90
CA ASN A 67 -9.66 -24.91 -38.93
C ASN A 67 -10.01 -25.19 -37.48
N CYS A 68 -10.48 -26.38 -37.15
CA CYS A 68 -10.96 -26.66 -35.80
C CYS A 68 -9.83 -26.74 -34.78
N LEU A 69 -8.59 -26.74 -35.25
CA LEU A 69 -7.42 -26.83 -34.39
C LEU A 69 -6.71 -25.50 -34.16
N VAL A 70 -7.38 -24.39 -34.44
CA VAL A 70 -6.80 -23.06 -34.23
C VAL A 70 -7.39 -22.36 -33.02
N PRO A 71 -6.71 -22.45 -31.87
CA PRO A 71 -7.20 -21.96 -30.57
C PRO A 71 -7.55 -20.47 -30.62
N ASP A 72 -6.84 -19.69 -31.42
CA ASP A 72 -7.09 -18.25 -31.46
C ASP A 72 -8.48 -18.02 -32.06
N LEU A 73 -8.89 -18.93 -32.92
CA LEU A 73 -10.20 -18.86 -33.54
C LEU A 73 -11.34 -19.24 -32.59
N TRP A 74 -11.11 -20.24 -31.76
CA TRP A 74 -12.08 -20.58 -30.73
C TRP A 74 -12.20 -19.47 -29.71
N ILE A 75 -11.07 -18.87 -29.34
CA ILE A 75 -11.14 -17.80 -28.36
C ILE A 75 -11.97 -16.62 -28.85
N ARG A 76 -11.72 -16.15 -30.06
CA ARG A 76 -12.46 -15.02 -30.60
C ARG A 76 -13.96 -15.32 -30.68
N TYR A 77 -14.28 -16.52 -31.14
CA TYR A 77 -15.66 -16.96 -31.26
C TYR A 77 -16.30 -17.10 -29.90
N SER A 78 -15.70 -17.88 -29.02
CA SER A 78 -16.27 -18.09 -27.69
C SER A 78 -16.37 -16.82 -26.84
N GLN A 79 -15.40 -15.93 -26.99
CA GLN A 79 -15.37 -14.64 -26.30
C GLN A 79 -16.48 -13.72 -26.79
N TYR A 80 -16.73 -13.78 -28.09
CA TYR A 80 -17.78 -13.01 -28.76
C TYR A 80 -19.16 -13.34 -28.24
N LEU A 81 -19.43 -14.62 -28.03
CA LEU A 81 -20.74 -15.05 -27.54
C LEU A 81 -20.91 -14.46 -26.15
N ASP A 82 -19.82 -14.50 -25.39
CA ASP A 82 -19.79 -14.01 -24.02
C ASP A 82 -19.89 -12.50 -23.91
N ARG A 83 -19.53 -11.78 -24.97
CA ARG A 83 -19.60 -10.34 -24.89
C ARG A 83 -20.88 -9.80 -25.50
N GLN A 84 -21.40 -10.47 -26.52
CA GLN A 84 -22.57 -9.96 -27.22
C GLN A 84 -23.88 -10.73 -27.00
N LEU A 85 -23.88 -11.99 -27.42
CA LEU A 85 -25.07 -12.84 -27.33
C LEU A 85 -25.53 -13.22 -25.93
N LYS A 86 -24.63 -13.82 -25.15
CA LYS A 86 -24.93 -14.18 -23.76
C LYS A 86 -26.06 -15.21 -23.61
N VAL A 87 -26.15 -16.15 -24.54
CA VAL A 87 -27.14 -17.21 -24.42
C VAL A 87 -26.54 -18.48 -23.84
N LYS A 88 -27.04 -18.89 -22.68
CA LYS A 88 -26.41 -19.96 -21.89
C LYS A 88 -26.13 -21.19 -22.75
N ASP A 89 -27.19 -21.76 -23.31
CA ASP A 89 -27.09 -23.01 -24.04
C ASP A 89 -26.11 -22.91 -25.21
N LEU A 90 -26.07 -21.74 -25.84
CA LEU A 90 -25.19 -21.52 -26.97
C LEU A 90 -23.73 -21.30 -26.58
N VAL A 91 -23.49 -20.39 -25.64
CA VAL A 91 -22.12 -20.07 -25.21
C VAL A 91 -21.42 -21.26 -24.57
N LEU A 92 -22.14 -22.05 -23.80
CA LEU A 92 -21.54 -23.19 -23.12
C LEU A 92 -21.25 -24.30 -24.13
N SER A 93 -22.07 -24.38 -25.17
CA SER A 93 -21.88 -25.40 -26.16
C SER A 93 -20.60 -25.12 -26.95
N VAL A 94 -20.33 -23.84 -27.19
CA VAL A 94 -19.16 -23.45 -27.97
C VAL A 94 -17.88 -23.60 -27.15
N HIS A 95 -17.93 -23.30 -25.86
CA HIS A 95 -16.76 -23.52 -25.00
C HIS A 95 -16.39 -24.97 -24.90
N ASN A 96 -17.41 -25.80 -24.72
CA ASN A 96 -17.21 -27.22 -24.61
C ASN A 96 -16.60 -27.73 -25.91
N ARG A 97 -17.06 -27.20 -27.03
CA ARG A 97 -16.52 -27.62 -28.31
C ARG A 97 -15.08 -27.15 -28.53
N ALA A 98 -14.71 -26.01 -27.95
CA ALA A 98 -13.35 -25.53 -28.08
C ALA A 98 -12.33 -26.40 -27.33
N ILE A 99 -12.70 -26.83 -26.13
CA ILE A 99 -11.84 -27.68 -25.32
C ILE A 99 -11.56 -29.00 -26.00
N ARG A 100 -12.58 -29.56 -26.65
CA ARG A 100 -12.44 -30.90 -27.23
C ARG A 100 -11.59 -30.87 -28.49
N ASN A 101 -11.55 -29.72 -29.15
CA ASN A 101 -10.74 -29.56 -30.35
C ASN A 101 -9.35 -29.08 -30.03
N CYS A 102 -9.23 -28.18 -29.05
CA CYS A 102 -7.92 -27.68 -28.68
C CYS A 102 -7.72 -27.71 -27.17
N PRO A 103 -7.59 -28.90 -26.59
CA PRO A 103 -7.47 -29.14 -25.15
C PRO A 103 -6.14 -28.62 -24.59
N TRP A 104 -5.15 -28.45 -25.45
CA TRP A 104 -3.82 -28.10 -24.93
C TRP A 104 -3.67 -26.65 -24.49
N THR A 105 -4.67 -25.84 -24.83
CA THR A 105 -4.69 -24.42 -24.50
C THR A 105 -5.54 -24.14 -23.26
N VAL A 106 -4.94 -23.52 -22.26
CA VAL A 106 -5.60 -23.33 -20.98
C VAL A 106 -6.66 -22.25 -21.03
N ALA A 107 -6.43 -21.25 -21.87
CA ALA A 107 -7.38 -20.17 -22.02
C ALA A 107 -8.76 -20.69 -22.33
N LEU A 108 -8.85 -21.67 -23.23
CA LEU A 108 -10.13 -22.25 -23.57
C LEU A 108 -10.79 -22.83 -22.30
N TRP A 109 -9.98 -23.49 -21.47
CA TRP A 109 -10.47 -24.04 -20.19
C TRP A 109 -10.79 -22.96 -19.16
N SER A 110 -9.94 -21.94 -19.04
CA SER A 110 -10.17 -20.92 -18.02
C SER A 110 -11.38 -20.09 -18.39
N ARG A 111 -11.51 -19.79 -19.68
CA ARG A 111 -12.64 -19.03 -20.18
C ARG A 111 -13.89 -19.85 -20.03
N TYR A 112 -13.75 -21.16 -20.14
CA TYR A 112 -14.89 -22.02 -19.93
C TYR A 112 -15.35 -21.87 -18.48
N LEU A 113 -14.44 -21.97 -17.52
CA LEU A 113 -14.85 -21.84 -16.12
C LEU A 113 -15.44 -20.48 -15.69
N LEU A 114 -14.97 -19.38 -16.28
CA LEU A 114 -15.53 -18.06 -15.99
C LEU A 114 -16.95 -18.00 -16.56
N ALA A 115 -17.11 -18.47 -17.79
CA ALA A 115 -18.40 -18.43 -18.49
C ALA A 115 -19.41 -19.30 -17.76
N MET A 116 -18.98 -20.43 -17.22
CA MET A 116 -19.88 -21.29 -16.45
C MET A 116 -20.32 -20.51 -15.21
N GLU A 117 -19.39 -19.70 -14.68
CA GLU A 117 -19.65 -18.90 -13.49
C GLU A 117 -20.60 -17.73 -13.77
N ARG A 118 -20.45 -17.11 -14.94
CA ARG A 118 -21.35 -16.02 -15.34
C ARG A 118 -22.77 -16.51 -15.47
N HIS A 119 -22.93 -17.77 -15.84
CA HIS A 119 -24.25 -18.28 -16.12
C HIS A 119 -24.83 -19.15 -15.03
N GLY A 120 -24.26 -19.01 -13.84
CA GLY A 120 -24.74 -19.64 -12.64
C GLY A 120 -24.83 -21.15 -12.70
N VAL A 121 -23.86 -21.77 -13.37
CA VAL A 121 -23.77 -23.22 -13.38
C VAL A 121 -23.46 -23.73 -11.99
N ASP A 122 -24.07 -24.86 -11.64
CA ASP A 122 -23.91 -25.49 -10.34
C ASP A 122 -22.45 -25.72 -9.94
N HIS A 123 -22.14 -25.51 -8.66
CA HIS A 123 -20.77 -25.63 -8.17
C HIS A 123 -20.17 -26.99 -8.47
N GLN A 124 -21.00 -28.04 -8.40
CA GLN A 124 -20.55 -29.41 -8.60
C GLN A 124 -20.11 -29.59 -10.04
N VAL A 125 -20.84 -28.99 -10.97
CA VAL A 125 -20.52 -29.14 -12.38
C VAL A 125 -19.33 -28.30 -12.85
N ILE A 126 -19.16 -27.13 -12.26
CA ILE A 126 -17.96 -26.31 -12.47
C ILE A 126 -16.70 -27.03 -11.95
N SER A 127 -16.84 -27.61 -10.76
CA SER A 127 -15.74 -28.32 -10.10
C SER A 127 -15.24 -29.54 -10.84
N VAL A 128 -16.14 -30.34 -11.38
CA VAL A 128 -15.74 -31.54 -12.11
C VAL A 128 -15.06 -31.19 -13.44
N THR A 129 -15.43 -30.06 -14.03
CA THR A 129 -14.78 -29.56 -15.24
C THR A 129 -13.34 -29.18 -14.97
N PHE A 130 -13.11 -28.52 -13.83
CA PHE A 130 -11.77 -28.11 -13.45
C PHE A 130 -10.90 -29.33 -13.28
N GLU A 131 -11.46 -30.36 -12.68
CA GLU A 131 -10.69 -31.57 -12.47
C GLU A 131 -10.26 -32.19 -13.79
N LYS A 132 -11.07 -32.03 -14.84
CA LYS A 132 -10.76 -32.51 -16.16
C LYS A 132 -9.63 -31.71 -16.77
N ALA A 133 -9.63 -30.43 -16.44
CA ALA A 133 -8.63 -29.50 -16.93
C ALA A 133 -7.29 -29.97 -16.39
N LEU A 134 -7.29 -30.41 -15.13
CA LEU A 134 -6.07 -30.89 -14.51
C LEU A 134 -5.51 -32.15 -15.20
N ASN A 135 -6.37 -32.91 -15.88
CA ASN A 135 -5.88 -34.12 -16.52
C ASN A 135 -5.64 -33.85 -17.98
N ALA A 136 -5.98 -32.64 -18.40
CA ALA A 136 -5.77 -32.23 -19.77
C ALA A 136 -4.25 -32.16 -19.93
N GLY A 137 -3.74 -32.14 -21.14
CA GLY A 137 -2.30 -32.08 -21.33
C GLY A 137 -1.81 -30.69 -21.65
N PHE A 138 -1.08 -30.01 -20.76
CA PHE A 138 -0.65 -28.66 -21.16
C PHE A 138 0.86 -28.67 -21.34
N ILE A 139 1.36 -27.70 -22.11
CA ILE A 139 2.79 -27.62 -22.40
C ILE A 139 3.75 -26.89 -21.45
N GLN A 140 3.28 -25.83 -20.82
CA GLN A 140 4.08 -25.05 -19.88
C GLN A 140 3.65 -25.21 -18.43
N ALA A 141 4.61 -25.05 -17.53
CA ALA A 141 4.33 -25.07 -16.11
C ALA A 141 3.44 -23.89 -15.78
N THR A 142 3.65 -22.79 -16.47
CA THR A 142 2.87 -21.60 -16.25
C THR A 142 1.39 -21.86 -16.52
N ASP A 143 1.13 -22.76 -17.49
CA ASP A 143 -0.23 -23.10 -17.84
C ASP A 143 -1.00 -23.70 -16.66
N TYR A 144 -0.32 -24.51 -15.85
CA TYR A 144 -0.93 -25.16 -14.69
C TYR A 144 -1.22 -24.20 -13.53
N VAL A 145 -0.43 -23.15 -13.40
CA VAL A 145 -0.73 -22.15 -12.38
C VAL A 145 -1.91 -21.28 -12.81
N GLU A 146 -2.02 -21.06 -14.12
CA GLU A 146 -3.10 -20.27 -14.66
C GLU A 146 -4.47 -20.91 -14.44
N ILE A 147 -4.57 -22.21 -14.68
CA ILE A 147 -5.81 -22.96 -14.45
C ILE A 147 -6.17 -22.97 -12.98
N TRP A 148 -5.18 -23.14 -12.11
CA TRP A 148 -5.40 -23.15 -10.67
C TRP A 148 -5.86 -21.80 -10.17
N GLN A 149 -5.27 -20.76 -10.74
CA GLN A 149 -5.60 -19.41 -10.35
C GLN A 149 -7.03 -19.12 -10.76
N ALA A 150 -7.44 -19.57 -11.94
CA ALA A 150 -8.80 -19.34 -12.42
C ALA A 150 -9.79 -20.00 -11.47
N TYR A 151 -9.48 -21.22 -11.05
CA TYR A 151 -10.32 -21.98 -10.14
C TYR A 151 -10.39 -21.37 -8.74
N LEU A 152 -9.25 -20.86 -8.27
CA LEU A 152 -9.16 -20.25 -6.95
C LEU A 152 -9.94 -18.95 -6.86
N ASP A 153 -9.90 -18.17 -7.93
CA ASP A 153 -10.66 -16.94 -8.02
C ASP A 153 -12.13 -17.24 -7.94
N TYR A 154 -12.51 -18.32 -8.60
CA TYR A 154 -13.87 -18.78 -8.62
C TYR A 154 -14.31 -19.11 -7.21
N LEU A 155 -13.48 -19.86 -6.50
CA LEU A 155 -13.79 -20.23 -5.13
C LEU A 155 -13.88 -19.00 -4.21
N ARG A 156 -13.05 -18.01 -4.50
CA ARG A 156 -13.04 -16.76 -3.73
C ARG A 156 -14.33 -15.99 -3.91
N ARG A 157 -14.86 -16.01 -5.13
CA ARG A 157 -16.07 -15.28 -5.40
C ARG A 157 -17.29 -15.97 -4.81
N ARG A 158 -17.08 -17.17 -4.29
CA ARG A 158 -18.16 -17.90 -3.65
C ARG A 158 -18.18 -17.61 -2.14
N VAL A 159 -17.16 -16.92 -1.65
CA VAL A 159 -17.03 -16.70 -0.22
C VAL A 159 -17.64 -15.37 0.17
N ASP A 160 -18.38 -15.36 1.27
CA ASP A 160 -18.85 -14.11 1.83
C ASP A 160 -17.83 -13.75 2.91
N PHE A 161 -16.97 -12.81 2.62
CA PHE A 161 -15.91 -12.45 3.53
C PHE A 161 -16.36 -11.67 4.73
N LYS A 162 -17.59 -11.24 4.69
CA LYS A 162 -18.09 -10.44 5.77
C LYS A 162 -18.04 -11.14 7.10
N GLN A 163 -18.30 -12.44 6.97
CA GLN A 163 -18.42 -13.43 8.00
C GLN A 163 -17.07 -13.95 8.36
N ASP A 164 -16.82 -14.08 9.65
CA ASP A 164 -15.54 -14.57 10.15
C ASP A 164 -15.20 -16.00 9.73
N SER A 165 -16.19 -16.90 9.75
CA SER A 165 -15.94 -18.31 9.43
C SER A 165 -16.92 -19.04 8.48
N SER A 166 -16.84 -18.77 7.18
CA SER A 166 -17.69 -19.48 6.22
C SER A 166 -17.10 -20.78 5.68
N LYS A 167 -17.95 -21.74 5.38
CA LYS A 167 -17.51 -23.02 4.87
C LYS A 167 -16.80 -22.85 3.54
N GLU A 168 -17.41 -22.08 2.67
CA GLU A 168 -16.88 -21.74 1.37
C GLU A 168 -15.45 -21.23 1.55
N LEU A 169 -15.20 -20.52 2.64
CA LEU A 169 -13.86 -20.03 2.97
C LEU A 169 -12.90 -21.20 3.23
N GLU A 170 -13.42 -22.24 3.87
CA GLU A 170 -12.59 -23.41 4.15
C GLU A 170 -12.32 -24.21 2.89
N GLU A 171 -13.30 -24.20 2.01
CA GLU A 171 -13.18 -24.82 0.71
C GLU A 171 -12.12 -24.08 -0.10
N LEU A 172 -12.10 -22.77 0.04
CA LEU A 172 -11.10 -21.94 -0.62
C LEU A 172 -9.72 -22.25 -0.06
N ARG A 173 -9.62 -22.24 1.27
CA ARG A 173 -8.35 -22.53 1.94
C ARG A 173 -7.86 -23.95 1.69
N ALA A 174 -8.79 -24.89 1.56
CA ALA A 174 -8.41 -26.27 1.29
C ALA A 174 -7.86 -26.39 -0.11
N ALA A 175 -8.47 -25.63 -1.01
CA ALA A 175 -8.06 -25.63 -2.40
C ALA A 175 -6.68 -25.01 -2.51
N PHE A 176 -6.44 -23.95 -1.76
CA PHE A 176 -5.13 -23.33 -1.77
C PHE A 176 -4.05 -24.30 -1.33
N THR A 177 -4.27 -25.00 -0.22
CA THR A 177 -3.27 -25.94 0.26
C THR A 177 -3.02 -26.96 -0.82
N ARG A 178 -4.13 -27.49 -1.32
CA ARG A 178 -4.11 -28.48 -2.38
C ARG A 178 -3.39 -27.98 -3.64
N ALA A 179 -3.58 -26.70 -3.99
CA ALA A 179 -2.94 -26.16 -5.18
C ALA A 179 -1.43 -26.04 -5.03
N LEU A 180 -0.93 -25.50 -3.93
CA LEU A 180 0.53 -25.38 -3.76
C LEU A 180 1.24 -26.72 -3.69
N GLU A 181 0.66 -27.72 -3.03
CA GLU A 181 1.32 -29.02 -2.97
C GLU A 181 1.31 -29.65 -4.34
N TYR A 182 0.21 -29.44 -5.08
CA TYR A 182 0.06 -29.93 -6.44
C TYR A 182 1.07 -29.29 -7.37
N LEU A 183 1.32 -28.01 -7.20
CA LEU A 183 2.31 -27.32 -8.01
C LEU A 183 3.74 -27.77 -7.73
N LYS A 184 4.02 -28.05 -6.46
CA LYS A 184 5.33 -28.51 -6.04
C LYS A 184 5.73 -29.92 -6.48
N GLN A 185 4.79 -30.85 -6.42
CA GLN A 185 5.08 -32.25 -6.72
C GLN A 185 4.73 -32.49 -8.21
N GLU A 186 3.45 -32.50 -8.64
CA GLU A 186 3.12 -32.88 -10.02
C GLU A 186 3.74 -31.96 -11.07
N VAL A 187 3.63 -30.65 -10.95
CA VAL A 187 4.19 -29.81 -12.03
C VAL A 187 5.74 -29.86 -12.05
N GLU A 188 6.36 -29.85 -10.87
CA GLU A 188 7.81 -29.96 -10.80
C GLU A 188 8.32 -31.30 -11.30
N GLU A 189 7.55 -32.34 -11.04
CA GLU A 189 7.89 -33.68 -11.47
C GLU A 189 7.94 -33.88 -12.97
N ARG A 190 6.89 -33.45 -13.64
CA ARG A 190 6.79 -33.55 -15.09
C ARG A 190 7.72 -32.53 -15.80
N PHE A 191 7.87 -31.32 -15.27
CA PHE A 191 8.70 -30.27 -15.90
C PHE A 191 10.13 -30.09 -15.35
N ASN A 192 10.37 -30.56 -14.13
CA ASN A 192 11.66 -30.45 -13.40
C ASN A 192 12.13 -29.01 -13.16
N GLU A 193 11.14 -28.15 -13.02
CA GLU A 193 11.29 -26.79 -12.55
C GLU A 193 10.01 -26.48 -11.78
N SER A 194 10.08 -25.66 -10.73
CA SER A 194 8.83 -25.28 -10.06
C SER A 194 8.02 -24.50 -11.09
N GLY A 195 6.71 -24.55 -10.97
CA GLY A 195 5.85 -23.92 -11.97
C GLY A 195 5.50 -22.51 -11.57
N ASP A 196 5.83 -22.18 -10.32
CA ASP A 196 5.54 -20.86 -9.82
C ASP A 196 6.79 -20.26 -9.19
N PRO A 197 7.64 -19.65 -10.02
CA PRO A 197 8.91 -19.09 -9.56
C PRO A 197 8.66 -17.94 -8.58
N SER A 198 7.80 -17.01 -8.97
CA SER A 198 7.52 -15.84 -8.15
C SER A 198 6.40 -16.07 -7.14
N CYS A 199 5.99 -17.33 -6.97
CA CYS A 199 4.99 -17.71 -5.97
C CYS A 199 3.71 -16.86 -6.06
N VAL A 200 3.17 -16.69 -7.26
CA VAL A 200 1.99 -15.84 -7.42
C VAL A 200 0.74 -16.39 -6.75
N ILE A 201 0.68 -17.71 -6.62
CA ILE A 201 -0.41 -18.33 -5.90
C ILE A 201 -0.30 -18.00 -4.41
N MET A 202 0.90 -18.17 -3.85
CA MET A 202 1.12 -17.84 -2.45
C MET A 202 0.88 -16.36 -2.21
N GLN A 203 1.24 -15.54 -3.20
CA GLN A 203 1.00 -14.11 -3.10
C GLN A 203 -0.46 -13.78 -3.00
N ASN A 204 -1.26 -14.44 -3.84
CA ASN A 204 -2.70 -14.23 -3.84
C ASN A 204 -3.34 -14.69 -2.55
N TRP A 205 -2.87 -15.84 -2.07
CA TRP A 205 -3.35 -16.38 -0.82
C TRP A 205 -3.01 -15.39 0.30
N ALA A 206 -1.80 -14.86 0.28
CA ALA A 206 -1.38 -13.88 1.29
C ALA A 206 -2.25 -12.62 1.29
N ARG A 207 -2.56 -12.12 0.10
CA ARG A 207 -3.37 -10.93 -0.05
C ARG A 207 -4.77 -11.16 0.45
N ILE A 208 -5.32 -12.32 0.11
CA ILE A 208 -6.66 -12.69 0.56
C ILE A 208 -6.66 -12.83 2.06
N GLU A 209 -5.69 -13.56 2.55
CA GLU A 209 -5.65 -13.89 3.96
C GLU A 209 -5.43 -12.63 4.81
N ALA A 210 -4.82 -11.59 4.24
CA ALA A 210 -4.53 -10.40 5.05
C ALA A 210 -5.56 -9.28 4.91
N ARG A 211 -6.12 -9.11 3.72
CA ARG A 211 -7.08 -8.04 3.52
C ARG A 211 -8.53 -8.42 3.79
N LEU A 212 -8.91 -9.59 3.28
CA LEU A 212 -10.28 -10.07 3.32
C LEU A 212 -10.69 -10.89 4.53
N CYS A 213 -9.81 -11.76 5.01
CA CYS A 213 -10.06 -12.49 6.25
C CYS A 213 -9.38 -11.95 7.49
N ASN A 214 -8.78 -10.78 7.38
CA ASN A 214 -8.13 -10.14 8.54
C ASN A 214 -7.20 -11.10 9.32
N ASN A 215 -6.37 -11.81 8.57
CA ASN A 215 -5.49 -12.89 9.08
C ASN A 215 -4.05 -12.50 8.78
N MET A 216 -3.50 -11.52 9.47
CA MET A 216 -2.13 -11.22 9.07
C MET A 216 -0.98 -12.28 9.38
N GLN A 217 -1.11 -13.14 10.41
CA GLN A 217 -0.04 -14.11 10.73
C GLN A 217 0.20 -15.12 9.63
N LYS A 218 -0.89 -15.58 9.04
CA LYS A 218 -0.81 -16.52 7.93
C LYS A 218 -0.19 -15.85 6.72
N ALA A 219 -0.52 -14.58 6.53
CA ALA A 219 0.04 -13.79 5.46
C ALA A 219 1.55 -13.70 5.59
N ARG A 220 2.02 -13.51 6.82
CA ARG A 220 3.45 -13.40 7.08
C ARG A 220 4.24 -14.69 6.86
N GLU A 221 3.71 -15.82 7.32
CA GLU A 221 4.38 -17.11 7.11
C GLU A 221 4.46 -17.37 5.61
N LEU A 222 3.40 -17.03 4.88
CA LEU A 222 3.35 -17.24 3.44
C LEU A 222 4.41 -16.37 2.79
N TRP A 223 4.53 -15.11 3.18
CA TRP A 223 5.53 -14.23 2.58
C TRP A 223 6.95 -14.65 2.93
N ASP A 224 7.12 -15.20 4.12
CA ASP A 224 8.42 -15.72 4.51
C ASP A 224 8.80 -16.86 3.59
N SER A 225 7.82 -17.71 3.29
CA SER A 225 8.04 -18.84 2.40
C SER A 225 8.32 -18.38 0.98
N ILE A 226 7.70 -17.29 0.57
CA ILE A 226 7.93 -16.76 -0.76
C ILE A 226 9.37 -16.29 -0.82
N MET A 227 9.82 -15.58 0.22
CA MET A 227 11.20 -15.10 0.27
C MET A 227 12.21 -16.24 0.35
N THR A 228 11.84 -17.31 1.05
CA THR A 228 12.69 -18.47 1.20
C THR A 228 12.99 -19.16 -0.13
N ARG A 229 12.02 -19.09 -1.05
CA ARG A 229 12.12 -19.71 -2.37
C ARG A 229 13.00 -18.93 -3.33
N GLY A 230 13.80 -18.00 -2.80
CA GLY A 230 14.79 -17.30 -3.61
C GLY A 230 14.26 -16.02 -4.22
N ASN A 231 13.28 -15.43 -3.56
CA ASN A 231 12.63 -14.21 -4.02
C ASN A 231 13.07 -13.01 -3.19
N ALA A 232 13.93 -13.29 -2.22
CA ALA A 232 14.45 -12.29 -1.28
C ALA A 232 15.38 -11.27 -1.94
N LYS A 233 15.92 -11.63 -3.08
CA LYS A 233 16.86 -10.76 -3.78
C LYS A 233 16.17 -9.73 -4.66
N TYR A 234 14.84 -9.78 -4.74
CA TYR A 234 14.14 -8.89 -5.65
C TYR A 234 13.61 -7.68 -4.87
N ALA A 235 13.89 -6.47 -5.35
CA ALA A 235 13.46 -5.30 -4.60
C ALA A 235 11.94 -5.15 -4.55
N ASN A 236 11.33 -5.34 -5.71
CA ASN A 236 9.89 -5.22 -5.90
C ASN A 236 9.11 -6.26 -5.08
N MET A 237 9.76 -7.40 -4.85
CA MET A 237 9.16 -8.48 -4.07
C MET A 237 8.98 -8.07 -2.61
N TRP A 238 10.00 -7.45 -2.04
CA TRP A 238 9.94 -6.94 -0.66
C TRP A 238 8.90 -5.84 -0.54
N LEU A 239 8.83 -5.01 -1.57
CA LEU A 239 7.91 -3.89 -1.59
C LEU A 239 6.47 -4.41 -1.60
N GLU A 240 6.23 -5.53 -2.27
CA GLU A 240 4.91 -6.16 -2.26
C GLU A 240 4.55 -6.56 -0.85
N TYR A 241 5.52 -7.13 -0.14
CA TYR A 241 5.32 -7.50 1.25
C TYR A 241 5.13 -6.28 2.12
N TYR A 242 5.95 -5.27 1.89
CA TYR A 242 5.87 -4.05 2.68
C TYR A 242 4.49 -3.43 2.51
N ASN A 243 4.03 -3.34 1.28
CA ASN A 243 2.75 -2.72 0.98
C ASN A 243 1.56 -3.44 1.58
N LEU A 244 1.67 -4.76 1.70
CA LEU A 244 0.66 -5.59 2.34
C LEU A 244 0.64 -5.32 3.84
N GLU A 245 1.83 -5.17 4.45
CA GLU A 245 1.97 -4.89 5.87
C GLU A 245 1.57 -3.48 6.25
N ARG A 246 1.80 -2.55 5.34
CA ARG A 246 1.48 -1.16 5.53
C ARG A 246 -0.03 -0.95 5.63
N ALA A 247 -0.79 -1.86 5.04
CA ALA A 247 -2.24 -1.73 5.01
C ALA A 247 -2.96 -2.47 6.16
N HIS A 248 -2.46 -3.62 6.57
CA HIS A 248 -3.19 -4.44 7.53
C HIS A 248 -2.29 -4.91 8.67
N GLY A 249 -1.07 -4.38 8.70
CA GLY A 249 -0.17 -4.67 9.80
C GLY A 249 0.13 -3.39 10.55
N ASP A 250 1.16 -3.43 11.38
CA ASP A 250 1.63 -2.22 12.08
C ASP A 250 2.95 -1.65 11.54
N THR A 251 3.31 -0.48 12.06
CA THR A 251 4.53 0.24 11.64
C THR A 251 5.77 -0.53 12.04
N GLN A 252 5.69 -1.20 13.19
CA GLN A 252 6.79 -1.99 13.72
C GLN A 252 7.21 -3.10 12.78
N HIS A 253 6.23 -3.72 12.14
CA HIS A 253 6.51 -4.79 11.21
C HIS A 253 7.05 -4.31 9.86
N CYS A 254 6.68 -3.09 9.47
CA CYS A 254 7.20 -2.47 8.26
C CYS A 254 8.68 -2.17 8.37
N ARG A 255 9.08 -1.62 9.51
CA ARG A 255 10.46 -1.24 9.75
C ARG A 255 11.40 -2.44 9.73
N LYS A 256 11.01 -3.55 10.35
CA LYS A 256 11.88 -4.72 10.38
C LYS A 256 12.00 -5.33 8.99
N ALA A 257 10.87 -5.37 8.29
CA ALA A 257 10.82 -5.89 6.92
C ALA A 257 11.71 -5.08 6.00
N LEU A 258 11.63 -3.77 6.13
CA LEU A 258 12.41 -2.86 5.32
C LEU A 258 13.87 -3.00 5.74
N HIS A 259 14.09 -3.22 7.03
CA HIS A 259 15.44 -3.44 7.49
C HIS A 259 16.00 -4.71 6.86
N ARG A 260 15.13 -5.72 6.78
CA ARG A 260 15.44 -6.96 6.09
C ARG A 260 15.61 -6.79 4.58
N ALA A 261 14.73 -5.97 3.99
CA ALA A 261 14.74 -5.72 2.56
C ALA A 261 16.01 -5.10 2.00
N VAL A 262 16.51 -4.08 2.70
CA VAL A 262 17.72 -3.38 2.31
C VAL A 262 18.94 -4.31 2.28
N GLN A 263 18.97 -5.22 3.24
CA GLN A 263 20.04 -6.21 3.44
C GLN A 263 20.06 -7.32 2.38
N CYS A 264 18.90 -7.66 1.83
CA CYS A 264 18.75 -8.84 0.98
C CYS A 264 18.66 -8.47 -0.51
N THR A 265 18.07 -7.31 -0.81
CA THR A 265 17.84 -6.86 -2.18
C THR A 265 19.10 -6.85 -3.04
N SER A 266 19.01 -7.42 -4.24
CA SER A 266 20.20 -7.48 -5.10
C SER A 266 20.08 -6.71 -6.41
N ASP A 267 18.86 -6.43 -6.86
CA ASP A 267 18.70 -5.75 -8.14
C ASP A 267 18.71 -4.22 -8.02
N TYR A 268 17.77 -3.69 -7.26
CA TYR A 268 17.66 -2.26 -6.95
C TYR A 268 17.60 -1.93 -5.46
N PRO A 269 18.76 -2.00 -4.78
CA PRO A 269 18.81 -1.76 -3.34
C PRO A 269 18.52 -0.30 -3.05
N GLU A 270 18.96 0.57 -3.96
CA GLU A 270 18.75 2.00 -3.81
C GLU A 270 17.28 2.35 -3.73
N HIS A 271 16.47 1.58 -4.44
CA HIS A 271 15.05 1.84 -4.46
C HIS A 271 14.48 1.57 -3.08
N VAL A 272 14.78 0.41 -2.50
CA VAL A 272 14.24 0.09 -1.18
C VAL A 272 14.80 1.03 -0.11
N CYS A 273 16.04 1.50 -0.28
CA CYS A 273 16.58 2.45 0.70
C CYS A 273 15.82 3.76 0.74
N GLU A 274 15.50 4.31 -0.43
CA GLU A 274 14.75 5.56 -0.47
C GLU A 274 13.39 5.35 0.19
N VAL A 275 12.81 4.17 -0.04
CA VAL A 275 11.51 3.84 0.52
C VAL A 275 11.58 3.68 2.04
N LEU A 276 12.68 3.12 2.54
CA LEU A 276 12.87 3.01 3.98
C LEU A 276 13.05 4.38 4.63
N LEU A 277 13.89 5.20 4.04
CA LEU A 277 14.16 6.54 4.54
C LEU A 277 12.90 7.40 4.55
N THR A 278 12.08 7.26 3.51
CA THR A 278 10.84 7.99 3.39
C THR A 278 9.85 7.65 4.51
N MET A 279 9.77 6.38 4.88
CA MET A 279 8.86 5.97 5.95
C MET A 279 9.27 6.58 7.27
N GLU A 280 10.57 6.58 7.56
CA GLU A 280 11.04 7.10 8.84
C GLU A 280 10.81 8.61 8.90
N ARG A 281 10.99 9.26 7.76
CA ARG A 281 10.78 10.70 7.65
C ARG A 281 9.34 11.10 7.92
N THR A 282 8.41 10.26 7.46
CA THR A 282 6.98 10.54 7.61
C THR A 282 6.40 9.95 8.88
N GLU A 283 7.05 8.93 9.43
CA GLU A 283 6.48 8.25 10.58
C GLU A 283 7.46 7.91 11.69
N GLY A 284 8.76 7.95 11.40
CA GLY A 284 9.68 7.50 12.42
C GLY A 284 10.16 8.61 13.31
N SER A 285 10.72 8.21 14.45
CA SER A 285 11.35 9.11 15.41
C SER A 285 12.70 9.49 14.86
N LEU A 286 13.37 10.43 15.51
CA LEU A 286 14.68 10.83 15.02
C LEU A 286 15.69 9.68 15.15
N GLU A 287 15.58 8.90 16.22
CA GLU A 287 16.44 7.74 16.40
C GLU A 287 16.19 6.67 15.35
N ASP A 288 14.92 6.46 15.03
CA ASP A 288 14.49 5.50 14.03
C ASP A 288 15.09 5.90 12.69
N TRP A 289 15.05 7.20 12.41
CA TRP A 289 15.65 7.75 11.20
C TRP A 289 17.16 7.56 11.12
N ASP A 290 17.85 7.83 12.22
CA ASP A 290 19.31 7.73 12.23
C ASP A 290 19.79 6.31 11.99
N ILE A 291 19.07 5.35 12.57
CA ILE A 291 19.39 3.94 12.39
C ILE A 291 19.24 3.60 10.91
N ALA A 292 18.20 4.13 10.30
CA ALA A 292 17.94 3.90 8.88
C ALA A 292 19.09 4.43 8.04
N VAL A 293 19.56 5.62 8.36
CA VAL A 293 20.68 6.20 7.62
C VAL A 293 21.96 5.41 7.80
N GLN A 294 22.18 4.87 8.99
CA GLN A 294 23.38 4.07 9.24
C GLN A 294 23.37 2.78 8.41
N LYS A 295 22.25 2.07 8.46
CA LYS A 295 22.09 0.79 7.76
C LYS A 295 22.13 0.96 6.26
N THR A 296 21.51 2.03 5.76
CA THR A 296 21.50 2.27 4.32
C THR A 296 22.90 2.63 3.89
N GLU A 297 23.58 3.48 4.66
CA GLU A 297 24.95 3.84 4.33
C GLU A 297 25.81 2.57 4.28
N THR A 298 25.68 1.69 5.27
CA THR A 298 26.46 0.46 5.30
C THR A 298 26.22 -0.46 4.10
N ARG A 299 24.96 -0.75 3.81
CA ARG A 299 24.59 -1.64 2.70
C ARG A 299 25.08 -1.03 1.38
N LEU A 300 24.80 0.26 1.21
CA LEU A 300 25.15 0.98 -0.01
C LEU A 300 26.65 1.08 -0.19
N ALA A 301 27.39 1.11 0.92
CA ALA A 301 28.85 1.21 0.84
C ALA A 301 29.43 -0.09 0.27
N ARG A 302 28.89 -1.22 0.74
CA ARG A 302 29.29 -2.54 0.28
C ARG A 302 28.92 -2.83 -1.19
N VAL A 303 27.74 -2.37 -1.59
CA VAL A 303 27.29 -2.53 -2.98
C VAL A 303 28.17 -1.79 -3.98
N ASN A 304 28.53 -0.55 -3.66
CA ASN A 304 29.37 0.28 -4.54
C ASN A 304 30.81 -0.28 -4.57
N GLU A 305 31.16 -0.92 -3.46
CA GLU A 305 32.42 -1.63 -3.24
C GLU A 305 32.50 -2.82 -4.21
N GLN A 306 31.44 -3.63 -4.26
CA GLN A 306 31.37 -4.80 -5.15
C GLN A 306 31.40 -4.39 -6.62
N ARG A 307 30.82 -3.24 -6.92
CA ARG A 307 30.79 -2.68 -8.27
C ARG A 307 32.24 -2.36 -8.61
N MET A 308 32.93 -1.85 -7.62
CA MET A 308 34.33 -1.48 -7.66
C MET A 308 35.14 -2.77 -7.80
N LYS A 309 34.70 -3.85 -7.15
CA LYS A 309 35.45 -5.11 -7.30
C LYS A 309 35.35 -5.64 -8.71
N ALA A 310 34.17 -5.54 -9.29
CA ALA A 310 34.00 -6.01 -10.64
C ALA A 310 35.09 -5.35 -11.43
N ALA A 311 35.17 -4.03 -11.32
CA ALA A 311 36.13 -3.28 -12.10
C ALA A 311 37.56 -3.64 -11.80
N GLU A 312 37.90 -3.74 -10.53
CA GLU A 312 39.27 -4.11 -10.19
C GLU A 312 39.53 -5.50 -10.70
N LYS A 313 38.53 -6.37 -10.53
CA LYS A 313 38.62 -7.74 -10.99
C LYS A 313 37.81 -7.91 -12.27
N SER B 7 58.68 6.20 33.43
CA SER B 7 57.33 6.65 33.07
C SER B 7 57.40 7.82 32.10
N VAL B 8 58.11 8.87 32.49
CA VAL B 8 58.27 10.05 31.64
C VAL B 8 59.14 9.70 30.42
N ILE B 9 60.18 8.92 30.64
CA ILE B 9 61.06 8.48 29.55
C ILE B 9 60.25 7.62 28.60
N GLN B 10 59.39 6.78 29.17
CA GLN B 10 58.56 5.89 28.41
C GLN B 10 57.47 6.70 27.71
N ASN B 11 57.01 7.77 28.35
CA ASN B 11 56.05 8.65 27.71
C ASN B 11 56.70 9.43 26.57
N TYR B 12 57.99 9.74 26.72
CA TYR B 12 58.77 10.41 25.68
C TYR B 12 59.03 9.50 24.49
N ASN B 13 59.28 8.23 24.78
CA ASN B 13 59.52 7.20 23.79
C ASN B 13 58.26 6.99 22.97
N LYS B 14 57.13 7.02 23.66
CA LYS B 14 55.85 6.85 23.00
C LYS B 14 55.51 8.06 22.15
N ALA B 15 56.04 9.21 22.55
CA ALA B 15 55.85 10.44 21.81
C ALA B 15 56.73 10.57 20.55
N LEU B 16 57.91 9.96 20.57
CA LEU B 16 58.76 10.00 19.38
C LEU B 16 58.42 9.16 18.14
N GLN B 17 57.88 7.96 18.37
CA GLN B 17 57.40 7.09 17.28
C GLN B 17 56.15 7.66 16.65
N GLN B 18 55.34 8.29 17.50
CA GLN B 18 54.10 8.95 17.09
C GLN B 18 54.47 10.11 16.18
N LEU B 19 55.57 10.78 16.46
CA LEU B 19 55.99 11.90 15.65
C LEU B 19 56.37 11.35 14.27
N GLU B 20 57.00 10.17 14.28
CA GLU B 20 57.45 9.42 13.08
C GLU B 20 56.39 8.86 12.10
N LYS B 21 55.26 8.38 12.62
CA LYS B 21 54.19 7.79 11.77
C LYS B 21 53.58 8.83 10.85
N TYR B 22 53.45 10.03 11.38
CA TYR B 22 52.88 11.13 10.63
C TYR B 22 53.95 11.86 9.88
N LYS B 23 55.20 11.47 10.09
CA LYS B 23 56.28 12.21 9.51
C LYS B 23 56.09 12.20 8.03
N PRO B 24 55.73 11.04 7.51
CA PRO B 24 55.49 10.90 6.08
C PRO B 24 54.34 11.78 5.65
N TYR B 25 53.27 11.77 6.43
CA TYR B 25 52.10 12.56 6.06
C TYR B 25 52.34 14.05 6.04
N GLU B 26 52.99 14.57 7.07
CA GLU B 26 53.13 16.00 7.16
C GLU B 26 53.93 16.53 6.01
N GLU B 27 55.02 15.85 5.69
CA GLU B 27 55.88 16.32 4.65
C GLU B 27 55.15 16.32 3.36
N ALA B 28 54.37 15.28 3.17
CA ALA B 28 53.76 15.05 1.88
C ALA B 28 52.96 16.29 1.63
N LEU B 29 52.23 16.71 2.64
CA LEU B 29 51.47 17.93 2.54
C LEU B 29 52.50 19.02 2.32
N LEU B 30 53.66 18.86 2.96
CA LEU B 30 54.66 19.90 2.93
C LEU B 30 55.11 20.09 1.52
N GLN B 31 55.30 19.00 0.83
CA GLN B 31 55.69 19.11 -0.54
C GLN B 31 54.60 19.83 -1.26
N ALA B 32 53.35 19.52 -0.90
CA ALA B 32 52.19 20.14 -1.54
C ALA B 32 51.98 21.59 -1.11
N GLU B 33 51.44 22.42 -1.98
CA GLU B 33 51.21 23.82 -1.58
C GLU B 33 49.87 24.52 -1.70
N ALA B 34 49.03 23.89 -2.53
CA ALA B 34 47.67 24.27 -2.81
C ALA B 34 47.04 23.91 -1.50
N PRO B 35 45.82 24.37 -1.25
CA PRO B 35 45.21 24.01 0.01
C PRO B 35 45.76 22.62 0.27
N ARG B 36 46.21 21.99 -0.81
CA ARG B 36 46.79 20.65 -0.74
C ARG B 36 45.70 19.82 -0.13
N LEU B 37 44.47 20.17 -0.49
CA LEU B 37 43.30 19.48 0.02
C LEU B 37 43.28 17.98 -0.24
N ALA B 38 43.72 17.56 -1.42
CA ALA B 38 43.67 16.15 -1.76
C ALA B 38 44.52 15.38 -0.77
N GLU B 39 45.65 15.95 -0.44
CA GLU B 39 46.56 15.36 0.56
C GLU B 39 46.05 15.47 2.01
N TYR B 40 45.26 16.49 2.29
CA TYR B 40 44.65 16.68 3.62
C TYR B 40 43.70 15.53 3.83
N GLN B 41 43.02 15.12 2.76
CA GLN B 41 42.09 14.03 2.87
C GLN B 41 42.80 12.76 3.34
N ALA B 42 44.01 12.51 2.85
CA ALA B 42 44.74 11.31 3.31
C ALA B 42 45.03 11.34 4.82
N TYR B 43 45.39 12.50 5.36
CA TYR B 43 45.67 12.60 6.80
C TYR B 43 44.45 12.36 7.68
N ILE B 44 43.33 13.00 7.32
CA ILE B 44 42.08 12.82 8.06
C ILE B 44 41.60 11.37 7.97
N ASP B 45 41.70 10.79 6.78
CA ASP B 45 41.36 9.39 6.56
C ASP B 45 42.21 8.50 7.46
N PHE B 46 43.48 8.84 7.58
CA PHE B 46 44.42 8.05 8.37
C PHE B 46 44.05 8.19 9.84
N GLU B 47 43.82 9.43 10.25
CA GLU B 47 43.49 9.77 11.63
C GLU B 47 42.15 9.21 12.09
N MET B 48 41.22 9.06 11.15
CA MET B 48 39.92 8.50 11.45
C MET B 48 39.96 7.00 11.67
N LYS B 49 40.93 6.34 11.04
CA LYS B 49 41.16 4.92 11.30
C LYS B 49 41.63 4.69 12.74
N ILE B 50 42.53 5.56 13.20
CA ILE B 50 43.05 5.55 14.58
C ILE B 50 41.97 5.86 15.63
N GLY B 51 41.18 6.91 15.39
CA GLY B 51 40.02 7.20 16.20
C GLY B 51 40.29 7.99 17.48
N ASP B 52 41.44 8.65 17.56
CA ASP B 52 41.75 9.51 18.70
C ASP B 52 41.10 10.87 18.46
N PRO B 53 40.12 11.23 19.30
CA PRO B 53 39.29 12.43 19.18
C PRO B 53 40.08 13.74 19.12
N ALA B 54 41.15 13.88 19.90
CA ALA B 54 41.91 15.13 19.86
C ALA B 54 42.62 15.33 18.52
N ARG B 55 43.23 14.28 17.99
CA ARG B 55 43.94 14.40 16.73
C ARG B 55 43.07 14.56 15.49
N ILE B 56 41.93 13.88 15.49
CA ILE B 56 40.96 13.98 14.40
C ILE B 56 40.40 15.38 14.27
N GLN B 57 40.06 15.99 15.40
CA GLN B 57 39.60 17.38 15.42
C GLN B 57 40.72 18.29 14.93
N LEU B 58 41.94 18.05 15.40
CA LEU B 58 43.06 18.91 15.04
C LEU B 58 43.26 18.96 13.53
N ILE B 59 43.39 17.79 12.92
CA ILE B 59 43.65 17.71 11.48
C ILE B 59 42.52 18.36 10.70
N PHE B 60 41.28 18.15 11.14
CA PHE B 60 40.14 18.76 10.47
C PHE B 60 40.31 20.28 10.48
N GLU B 61 40.54 20.83 11.66
CA GLU B 61 40.73 22.26 11.84
C GLU B 61 41.89 22.79 11.03
N ARG B 62 42.95 22.00 10.95
CA ARG B 62 44.13 22.35 10.18
C ARG B 62 43.76 22.51 8.70
N ALA B 63 42.97 21.57 8.20
CA ALA B 63 42.57 21.58 6.80
C ALA B 63 41.63 22.75 6.54
N LEU B 64 40.75 23.00 7.51
CA LEU B 64 39.76 24.06 7.43
C LEU B 64 40.34 25.47 7.45
N VAL B 65 41.60 25.63 7.83
CA VAL B 65 42.20 26.96 7.79
C VAL B 65 42.32 27.50 6.38
N GLU B 66 42.78 26.65 5.47
CA GLU B 66 42.97 27.04 4.08
C GLU B 66 41.80 26.65 3.21
N ASN B 67 41.05 25.62 3.63
CA ASN B 67 39.97 25.11 2.80
C ASN B 67 38.60 25.22 3.46
N CYS B 68 38.33 26.40 4.01
CA CYS B 68 37.11 26.67 4.73
C CYS B 68 35.94 26.80 3.74
N LEU B 69 36.25 26.88 2.45
CA LEU B 69 35.22 27.08 1.44
C LEU B 69 34.88 25.79 0.72
N VAL B 70 35.29 24.66 1.30
CA VAL B 70 34.98 23.33 0.76
C VAL B 70 33.93 22.66 1.61
N PRO B 71 32.66 22.76 1.21
CA PRO B 71 31.53 22.28 2.01
C PRO B 71 31.62 20.79 2.35
N ASP B 72 32.18 19.97 1.46
CA ASP B 72 32.25 18.54 1.69
C ASP B 72 33.17 18.26 2.87
N LEU B 73 34.13 19.16 3.09
CA LEU B 73 35.04 19.01 4.20
C LEU B 73 34.34 19.35 5.52
N TRP B 74 33.51 20.37 5.51
CA TRP B 74 32.69 20.70 6.68
C TRP B 74 31.66 19.65 7.05
N ILE B 75 31.00 19.07 6.05
CA ILE B 75 29.99 18.03 6.29
C ILE B 75 30.58 16.78 6.95
N ARG B 76 31.75 16.35 6.48
CA ARG B 76 32.46 15.21 7.06
C ARG B 76 32.90 15.53 8.48
N TYR B 77 33.38 16.75 8.70
CA TYR B 77 33.82 17.17 10.03
C TYR B 77 32.64 17.12 10.98
N SER B 78 31.57 17.84 10.62
CA SER B 78 30.37 17.88 11.44
C SER B 78 29.71 16.51 11.60
N GLN B 79 29.82 15.69 10.56
CA GLN B 79 29.28 14.34 10.56
C GLN B 79 30.00 13.40 11.53
N TYR B 80 31.33 13.57 11.63
CA TYR B 80 32.21 12.80 12.53
C TYR B 80 31.78 13.03 14.00
N LEU B 81 31.56 14.32 14.26
CA LEU B 81 31.16 14.91 15.51
C LEU B 81 29.81 14.44 15.92
N ASP B 82 28.95 14.43 14.92
CA ASP B 82 27.58 14.04 15.11
C ASP B 82 27.42 12.55 15.36
N ARG B 83 28.40 11.74 14.91
CA ARG B 83 28.31 10.29 15.10
C ARG B 83 29.10 9.72 16.29
N GLN B 84 30.22 10.37 16.63
CA GLN B 84 31.15 9.91 17.65
C GLN B 84 31.19 10.69 18.97
N LEU B 85 31.54 11.96 18.85
CA LEU B 85 31.69 12.87 19.99
C LEU B 85 30.40 13.20 20.72
N LYS B 86 29.39 13.71 20.01
CA LYS B 86 28.07 14.02 20.58
C LYS B 86 28.09 15.09 21.69
N VAL B 87 28.99 16.07 21.57
CA VAL B 87 29.01 17.17 22.52
C VAL B 87 28.30 18.42 21.97
N LYS B 88 27.21 18.83 22.61
CA LYS B 88 26.35 19.88 22.04
C LYS B 88 27.10 21.14 21.62
N ASP B 89 27.76 21.78 22.59
CA ASP B 89 28.42 23.06 22.38
C ASP B 89 29.46 22.93 21.29
N LEU B 90 30.09 21.75 21.21
CA LEU B 90 31.10 21.51 20.20
C LEU B 90 30.47 21.28 18.82
N VAL B 91 29.49 20.39 18.75
CA VAL B 91 28.86 20.11 17.46
C VAL B 91 28.12 21.32 16.89
N LEU B 92 27.44 22.08 17.74
CA LEU B 92 26.67 23.21 17.26
C LEU B 92 27.55 24.39 16.85
N SER B 93 28.70 24.51 17.50
CA SER B 93 29.62 25.60 17.18
C SER B 93 30.24 25.35 15.82
N VAL B 94 30.49 24.08 15.52
CA VAL B 94 31.13 23.68 14.29
C VAL B 94 30.16 23.80 13.11
N HIS B 95 28.90 23.47 13.36
CA HIS B 95 27.85 23.62 12.38
C HIS B 95 27.61 25.06 11.99
N ASN B 96 27.59 25.95 12.99
CA ASN B 96 27.36 27.37 12.74
C ASN B 96 28.46 28.04 11.91
N ARG B 97 29.71 27.67 12.17
CA ARG B 97 30.82 28.24 11.43
C ARG B 97 30.79 27.72 9.99
N ALA B 98 30.25 26.53 9.82
CA ALA B 98 30.10 25.94 8.49
C ALA B 98 29.10 26.76 7.72
N ILE B 99 28.02 27.17 8.37
CA ILE B 99 27.01 27.99 7.72
C ILE B 99 27.64 29.33 7.32
N ARG B 100 28.52 29.83 8.19
CA ARG B 100 29.14 31.14 8.01
C ARG B 100 30.20 31.17 6.90
N ASN B 101 30.76 30.00 6.62
CA ASN B 101 31.76 29.83 5.59
C ASN B 101 31.16 29.49 4.23
N CYS B 102 30.10 28.69 4.24
CA CYS B 102 29.45 28.28 3.01
C CYS B 102 27.94 28.41 3.03
N PRO B 103 27.43 29.65 2.96
CA PRO B 103 26.00 29.91 3.08
C PRO B 103 25.25 29.33 1.87
N TRP B 104 25.92 29.10 0.75
CA TRP B 104 25.20 28.68 -0.43
C TRP B 104 24.78 27.21 -0.34
N THR B 105 25.28 26.49 0.67
CA THR B 105 24.95 25.07 0.77
C THR B 105 23.81 24.76 1.72
N VAL B 106 22.81 24.11 1.15
CA VAL B 106 21.55 23.83 1.83
C VAL B 106 21.68 22.71 2.86
N ALA B 107 22.55 21.76 2.57
CA ALA B 107 22.85 20.62 3.43
C ALA B 107 23.29 21.06 4.81
N LEU B 108 24.10 22.11 4.86
CA LEU B 108 24.60 22.64 6.11
C LEU B 108 23.51 23.06 7.10
N TRP B 109 22.44 23.73 6.66
CA TRP B 109 21.32 24.05 7.57
C TRP B 109 20.51 22.85 7.98
N SER B 110 20.23 21.95 7.04
CA SER B 110 19.38 20.83 7.39
C SER B 110 20.11 19.97 8.39
N ARG B 111 21.42 19.80 8.21
CA ARG B 111 22.19 19.04 9.19
C ARG B 111 22.29 19.81 10.50
N TYR B 112 22.33 21.13 10.40
CA TYR B 112 22.36 22.00 11.58
C TYR B 112 21.06 21.82 12.35
N LEU B 113 19.94 21.91 11.64
CA LEU B 113 18.63 21.75 12.26
C LEU B 113 18.45 20.36 12.85
N LEU B 114 19.10 19.38 12.22
CA LEU B 114 19.04 18.03 12.75
C LEU B 114 19.78 17.98 14.08
N ALA B 115 20.98 18.57 14.10
CA ALA B 115 21.83 18.58 15.28
C ALA B 115 21.20 19.36 16.44
N MET B 116 20.54 20.47 16.11
CA MET B 116 19.87 21.27 17.12
C MET B 116 18.72 20.48 17.73
N GLU B 117 18.06 19.68 16.90
CA GLU B 117 16.95 18.87 17.35
C GLU B 117 17.42 17.70 18.20
N ARG B 118 18.54 17.11 17.81
CA ARG B 118 19.13 16.00 18.55
C ARG B 118 19.49 16.44 19.95
N HIS B 119 19.87 17.70 20.10
CA HIS B 119 20.39 18.15 21.38
C HIS B 119 19.35 19.01 22.12
N GLY B 120 18.10 18.87 21.69
CA GLY B 120 16.95 19.48 22.36
C GLY B 120 16.97 20.99 22.51
N VAL B 121 17.50 21.69 21.51
CA VAL B 121 17.44 23.14 21.50
C VAL B 121 15.98 23.60 21.37
N ASP B 122 15.63 24.68 22.08
CA ASP B 122 14.27 25.26 22.09
C ASP B 122 13.62 25.53 20.72
N HIS B 123 12.32 25.27 20.63
CA HIS B 123 11.58 25.43 19.38
C HIS B 123 11.71 26.84 18.82
N GLN B 124 11.76 27.85 19.68
CA GLN B 124 11.80 29.23 19.22
C GLN B 124 13.09 29.53 18.47
N VAL B 125 14.19 28.99 18.97
CA VAL B 125 15.51 29.22 18.35
C VAL B 125 15.74 28.41 17.07
N ILE B 126 15.10 27.24 17.00
CA ILE B 126 15.12 26.43 15.80
C ILE B 126 14.41 27.17 14.66
N SER B 127 13.30 27.84 14.99
CA SER B 127 12.52 28.58 14.01
C SER B 127 13.26 29.79 13.43
N VAL B 128 13.94 30.56 14.26
CA VAL B 128 14.68 31.72 13.75
C VAL B 128 15.88 31.28 12.93
N THR B 129 16.45 30.14 13.29
CA THR B 129 17.56 29.53 12.56
C THR B 129 17.08 29.08 11.19
N PHE B 130 15.89 28.49 11.19
CA PHE B 130 15.24 28.02 9.98
C PHE B 130 14.94 29.18 9.06
N GLU B 131 14.47 30.27 9.66
CA GLU B 131 14.12 31.48 8.92
C GLU B 131 15.35 32.07 8.21
N LYS B 132 16.53 31.83 8.77
CA LYS B 132 17.77 32.29 8.17
C LYS B 132 18.09 31.59 6.85
N ALA B 133 17.75 30.31 6.77
CA ALA B 133 18.01 29.55 5.56
C ALA B 133 17.22 30.07 4.35
N LEU B 134 15.96 30.44 4.56
CA LEU B 134 15.14 30.93 3.46
C LEU B 134 15.71 32.22 2.88
N ASN B 135 16.47 32.95 3.70
CA ASN B 135 17.07 34.20 3.28
C ASN B 135 18.53 34.09 2.90
N ALA B 136 19.07 32.88 3.01
CA ALA B 136 20.48 32.67 2.68
C ALA B 136 20.77 32.88 1.20
N GLY B 137 19.87 32.40 0.35
CA GLY B 137 19.99 32.52 -1.09
C GLY B 137 20.66 31.31 -1.69
N PHE B 138 19.89 30.49 -2.39
CA PHE B 138 20.40 29.28 -3.05
C PHE B 138 20.31 29.37 -4.57
N ILE B 139 21.18 28.60 -5.23
CA ILE B 139 21.23 28.46 -6.69
C ILE B 139 20.08 27.70 -7.40
N GLN B 140 19.67 26.57 -6.82
CA GLN B 140 18.66 25.70 -7.43
C GLN B 140 17.34 25.80 -6.67
N ALA B 141 16.25 25.60 -7.40
CA ALA B 141 14.92 25.56 -6.82
C ALA B 141 14.83 24.34 -5.91
N THR B 142 15.49 23.26 -6.30
CA THR B 142 15.47 22.03 -5.53
C THR B 142 16.07 22.27 -4.13
N ASP B 143 17.02 23.18 -4.04
CA ASP B 143 17.63 23.51 -2.75
C ASP B 143 16.61 23.99 -1.71
N TYR B 144 15.63 24.77 -2.16
CA TYR B 144 14.60 25.34 -1.27
C TYR B 144 13.57 24.35 -0.71
N VAL B 145 13.27 23.29 -1.43
CA VAL B 145 12.34 22.29 -0.91
C VAL B 145 12.94 21.38 0.19
N GLU B 146 14.25 21.12 0.13
CA GLU B 146 14.88 20.25 1.12
C GLU B 146 14.84 20.87 2.53
N ILE B 147 15.12 22.16 2.60
CA ILE B 147 15.08 22.89 3.86
C ILE B 147 13.67 22.89 4.41
N TRP B 148 12.67 23.04 3.54
CA TRP B 148 11.30 23.06 3.99
C TRP B 148 10.79 21.71 4.50
N GLN B 149 11.18 20.62 3.84
CA GLN B 149 10.78 19.28 4.30
C GLN B 149 11.46 19.05 5.64
N ALA B 150 12.72 19.48 5.72
CA ALA B 150 13.51 19.27 6.92
C ALA B 150 12.80 19.96 8.06
N TYR B 151 12.30 21.17 7.82
CA TYR B 151 11.61 21.89 8.87
C TYR B 151 10.29 21.20 9.21
N LEU B 152 9.60 20.70 8.18
CA LEU B 152 8.32 20.05 8.40
C LEU B 152 8.47 18.71 9.13
N ASP B 153 9.52 17.98 8.80
CA ASP B 153 9.82 16.73 9.48
C ASP B 153 10.09 17.03 10.93
N TYR B 154 10.79 18.14 11.16
CA TYR B 154 11.11 18.54 12.52
C TYR B 154 9.79 18.78 13.24
N LEU B 155 8.91 19.51 12.59
CA LEU B 155 7.60 19.82 13.15
C LEU B 155 6.78 18.54 13.30
N ARG B 156 6.97 17.60 12.38
CA ARG B 156 6.25 16.35 12.48
C ARG B 156 6.67 15.56 13.71
N ARG B 157 7.97 15.61 14.02
CA ARG B 157 8.45 14.87 15.16
C ARG B 157 8.05 15.53 16.48
N ARG B 158 7.50 16.73 16.39
CA ARG B 158 7.04 17.43 17.58
C ARG B 158 5.58 17.16 17.84
N VAL B 159 4.90 16.51 16.91
CA VAL B 159 3.47 16.32 17.09
C VAL B 159 3.24 15.01 17.77
N ASP B 160 2.36 15.02 18.75
CA ASP B 160 1.91 13.78 19.33
C ASP B 160 0.60 13.43 18.64
N PHE B 161 0.72 12.40 17.81
CA PHE B 161 -0.28 11.83 16.94
C PHE B 161 -1.27 10.93 17.66
N LYS B 162 -0.96 10.63 18.91
CA LYS B 162 -1.85 9.82 19.75
C LYS B 162 -3.18 10.46 20.07
N GLN B 163 -3.26 11.79 19.92
CA GLN B 163 -4.47 12.55 20.26
C GLN B 163 -5.05 13.29 19.08
N ASP B 164 -6.35 13.52 19.14
CA ASP B 164 -7.07 14.08 18.02
C ASP B 164 -6.55 15.43 17.61
N SER B 165 -6.25 16.32 18.55
CA SER B 165 -5.67 17.59 18.14
C SER B 165 -4.63 18.19 19.07
N SER B 166 -3.63 18.82 18.45
CA SER B 166 -2.54 19.41 19.17
C SER B 166 -2.25 20.72 18.53
N LYS B 167 -1.69 21.63 19.28
CA LYS B 167 -1.37 22.89 18.71
C LYS B 167 -0.35 22.62 17.64
N GLU B 168 0.55 21.71 17.94
CA GLU B 168 1.64 21.44 17.04
C GLU B 168 1.20 20.80 15.71
N LEU B 169 0.18 19.94 15.73
CA LEU B 169 -0.28 19.34 14.47
C LEU B 169 -0.83 20.51 13.63
N GLU B 170 -1.47 21.46 14.30
CA GLU B 170 -2.03 22.67 13.67
C GLU B 170 -0.94 23.63 13.25
N GLU B 171 0.13 23.65 14.02
CA GLU B 171 1.31 24.44 13.65
C GLU B 171 1.91 23.86 12.39
N LEU B 172 1.89 22.52 12.35
CA LEU B 172 2.36 21.76 11.22
C LEU B 172 1.54 21.95 9.95
N ARG B 173 0.23 21.83 10.05
CA ARG B 173 -0.64 21.99 8.89
C ARG B 173 -0.50 23.39 8.34
N ALA B 174 -0.30 24.34 9.26
CA ALA B 174 -0.12 25.73 8.90
C ALA B 174 1.21 25.88 8.20
N ALA B 175 2.20 25.12 8.64
CA ALA B 175 3.52 25.17 8.05
C ALA B 175 3.45 24.64 6.63
N PHE B 176 2.69 23.55 6.46
CA PHE B 176 2.51 22.96 5.15
C PHE B 176 1.87 23.98 4.21
N THR B 177 0.81 24.62 4.68
CA THR B 177 0.08 25.60 3.89
C THR B 177 1.07 26.70 3.55
N ARG B 178 1.78 27.17 4.57
CA ARG B 178 2.79 28.21 4.41
C ARG B 178 3.89 27.82 3.44
N ALA B 179 4.29 26.55 3.48
CA ALA B 179 5.35 26.08 2.61
C ALA B 179 4.90 26.05 1.15
N LEU B 180 3.72 25.49 0.92
CA LEU B 180 3.18 25.38 -0.44
C LEU B 180 2.95 26.74 -1.08
N GLU B 181 2.47 27.69 -0.29
CA GLU B 181 2.21 29.03 -0.79
C GLU B 181 3.54 29.70 -1.11
N TYR B 182 4.54 29.41 -0.29
CA TYR B 182 5.89 29.94 -0.50
C TYR B 182 6.48 29.43 -1.80
N LEU B 183 6.18 28.18 -2.08
CA LEU B 183 6.59 27.52 -3.29
C LEU B 183 5.87 28.08 -4.51
N LYS B 184 4.60 28.44 -4.33
CA LYS B 184 3.82 29.02 -5.41
C LYS B 184 4.26 30.42 -5.83
N GLN B 185 4.61 31.28 -4.87
CA GLN B 185 4.98 32.67 -5.16
C GLN B 185 6.50 32.95 -5.26
N GLU B 186 7.25 32.92 -4.15
CA GLU B 186 8.66 33.34 -4.19
C GLU B 186 9.62 32.54 -5.08
N VAL B 187 9.65 31.21 -4.95
CA VAL B 187 10.58 30.41 -5.73
C VAL B 187 10.26 30.35 -7.23
N GLU B 188 8.97 30.22 -7.55
CA GLU B 188 8.50 30.19 -8.94
C GLU B 188 8.73 31.49 -9.70
N GLU B 189 8.55 32.63 -9.05
CA GLU B 189 8.76 33.93 -9.70
C GLU B 189 10.24 34.05 -10.09
N ARG B 190 11.14 33.69 -9.17
CA ARG B 190 12.60 33.75 -9.39
C ARG B 190 13.17 32.76 -10.42
N PHE B 191 12.70 31.52 -10.41
CA PHE B 191 13.23 30.50 -11.32
C PHE B 191 12.33 30.21 -12.52
N ASN B 192 11.05 30.55 -12.40
CA ASN B 192 10.06 30.24 -13.44
C ASN B 192 9.95 28.74 -13.62
N GLU B 193 10.21 28.01 -12.53
CA GLU B 193 9.92 26.60 -12.49
C GLU B 193 9.51 26.21 -11.07
N SER B 194 8.62 25.24 -10.96
CA SER B 194 8.25 24.71 -9.67
C SER B 194 9.48 24.07 -9.05
N GLY B 195 9.73 24.31 -7.76
CA GLY B 195 10.94 23.79 -7.18
C GLY B 195 10.73 22.33 -6.87
N ASP B 196 9.47 21.93 -7.01
CA ASP B 196 8.99 20.56 -6.83
C ASP B 196 8.11 20.06 -7.96
N PRO B 197 8.71 19.53 -9.02
CA PRO B 197 7.88 19.12 -10.16
C PRO B 197 6.94 18.00 -9.70
N SER B 198 7.42 16.99 -8.96
CA SER B 198 6.55 15.89 -8.57
C SER B 198 5.73 16.12 -7.28
N CYS B 199 5.69 17.35 -6.77
CA CYS B 199 4.85 17.71 -5.62
C CYS B 199 5.01 16.81 -4.38
N VAL B 200 6.25 16.57 -3.98
CA VAL B 200 6.55 15.67 -2.85
C VAL B 200 6.10 16.17 -1.49
N ILE B 201 6.04 17.50 -1.34
CA ILE B 201 5.56 18.13 -0.11
C ILE B 201 4.09 17.83 0.16
N MET B 202 3.26 17.90 -0.88
CA MET B 202 1.85 17.56 -0.78
C MET B 202 1.70 16.06 -0.52
N GLN B 203 2.59 15.29 -1.15
CA GLN B 203 2.64 13.85 -0.97
C GLN B 203 2.96 13.46 0.46
N ASN B 204 3.95 14.13 1.04
CA ASN B 204 4.34 13.87 2.42
C ASN B 204 3.20 14.27 3.33
N TRP B 205 2.59 15.39 2.99
CA TRP B 205 1.46 15.90 3.71
C TRP B 205 0.29 14.93 3.64
N ALA B 206 0.02 14.41 2.44
CA ALA B 206 -1.05 13.45 2.25
C ALA B 206 -0.82 12.16 3.02
N ARG B 207 0.42 11.68 2.98
CA ARG B 207 0.79 10.45 3.64
C ARG B 207 0.65 10.63 5.16
N ILE B 208 1.11 11.77 5.68
CA ILE B 208 0.95 12.09 7.09
C ILE B 208 -0.53 12.27 7.50
N GLU B 209 -1.28 12.93 6.63
CA GLU B 209 -2.69 13.25 6.85
C GLU B 209 -3.58 12.01 6.76
N ALA B 210 -3.11 10.98 6.04
CA ALA B 210 -3.91 9.77 5.80
C ALA B 210 -3.59 8.66 6.80
N ARG B 211 -2.32 8.56 7.19
CA ARG B 211 -1.92 7.49 8.08
C ARG B 211 -2.04 7.84 9.55
N LEU B 212 -1.58 9.04 9.87
CA LEU B 212 -1.47 9.56 11.23
C LEU B 212 -2.63 10.35 11.85
N CYS B 213 -3.28 11.20 11.05
CA CYS B 213 -4.48 11.89 11.49
C CYS B 213 -5.83 11.33 11.03
N ASN B 214 -5.82 10.16 10.42
CA ASN B 214 -7.03 9.48 9.94
C ASN B 214 -7.97 10.47 9.23
N ASN B 215 -7.34 11.26 8.37
CA ASN B 215 -7.96 12.35 7.65
C ASN B 215 -7.76 12.02 6.18
N MET B 216 -8.45 11.00 5.66
CA MET B 216 -8.21 10.63 4.27
C MET B 216 -8.68 11.66 3.24
N GLN B 217 -9.69 12.47 3.56
CA GLN B 217 -10.20 13.44 2.59
C GLN B 217 -9.18 14.51 2.16
N LYS B 218 -8.37 15.01 3.09
CA LYS B 218 -7.38 16.02 2.72
C LYS B 218 -6.33 15.42 1.79
N ALA B 219 -5.98 14.17 2.05
CA ALA B 219 -5.03 13.45 1.22
C ALA B 219 -5.55 13.30 -0.19
N ARG B 220 -6.84 13.00 -0.32
CA ARG B 220 -7.42 12.84 -1.65
C ARG B 220 -7.40 14.17 -2.38
N GLU B 221 -7.74 15.21 -1.62
CA GLU B 221 -7.74 16.58 -2.12
C GLU B 221 -6.33 16.98 -2.54
N LEU B 222 -5.36 16.56 -1.74
CA LEU B 222 -3.96 16.85 -2.02
C LEU B 222 -3.53 16.12 -3.28
N TRP B 223 -3.88 14.84 -3.36
CA TRP B 223 -3.49 14.06 -4.52
C TRP B 223 -4.17 14.49 -5.81
N ASP B 224 -5.40 14.95 -5.73
CA ASP B 224 -6.07 15.46 -6.92
C ASP B 224 -5.26 16.63 -7.43
N SER B 225 -4.81 17.48 -6.51
CA SER B 225 -4.01 18.62 -6.89
C SER B 225 -2.64 18.21 -7.42
N ILE B 226 -2.07 17.16 -6.85
CA ILE B 226 -0.78 16.63 -7.29
C ILE B 226 -0.85 16.09 -8.73
N MET B 227 -1.94 15.39 -9.01
CA MET B 227 -2.20 14.85 -10.35
C MET B 227 -2.56 15.95 -11.32
N THR B 228 -3.21 16.98 -10.78
CA THR B 228 -3.64 18.17 -11.51
C THR B 228 -2.45 18.94 -12.08
N ARG B 229 -1.38 19.03 -11.30
CA ARG B 229 -0.21 19.78 -11.71
C ARG B 229 0.60 19.02 -12.77
N GLY B 230 -0.04 18.12 -13.49
CA GLY B 230 0.64 17.46 -14.59
C GLY B 230 1.32 16.16 -14.19
N ASN B 231 0.81 15.52 -13.14
CA ASN B 231 1.41 14.29 -12.66
C ASN B 231 0.59 13.03 -12.95
N ALA B 232 -0.54 13.23 -13.60
CA ALA B 232 -1.49 12.15 -13.95
C ALA B 232 -0.94 11.20 -14.99
N LYS B 233 0.05 11.67 -15.74
CA LYS B 233 0.65 10.91 -16.82
C LYS B 233 1.78 9.94 -16.40
N TYR B 234 2.14 9.95 -15.13
CA TYR B 234 3.21 9.08 -14.62
C TYR B 234 2.58 7.86 -13.91
N ALA B 235 3.02 6.66 -14.25
CA ALA B 235 2.43 5.44 -13.67
C ALA B 235 2.65 5.28 -12.16
N ASN B 236 3.89 5.52 -11.72
CA ASN B 236 4.28 5.36 -10.32
C ASN B 236 3.53 6.29 -9.38
N MET B 237 3.11 7.43 -9.92
CA MET B 237 2.35 8.42 -9.17
C MET B 237 0.97 7.89 -8.80
N TRP B 238 0.33 7.26 -9.76
CA TRP B 238 -0.99 6.66 -9.56
C TRP B 238 -0.85 5.53 -8.55
N LEU B 239 0.25 4.80 -8.65
CA LEU B 239 0.51 3.68 -7.78
C LEU B 239 0.75 4.17 -6.34
N GLU B 240 1.40 5.31 -6.20
CA GLU B 240 1.59 5.89 -4.87
C GLU B 240 0.27 6.28 -4.25
N TYR B 241 -0.60 6.89 -5.03
CA TYR B 241 -1.92 7.22 -4.52
C TYR B 241 -2.74 5.97 -4.23
N TYR B 242 -2.65 4.99 -5.12
CA TYR B 242 -3.37 3.75 -4.96
C TYR B 242 -2.94 3.08 -3.68
N ASN B 243 -1.62 3.05 -3.46
CA ASN B 243 -1.10 2.40 -2.29
C ASN B 243 -1.54 3.07 -1.00
N LEU B 244 -1.73 4.39 -1.07
CA LEU B 244 -2.24 5.15 0.06
C LEU B 244 -3.72 4.85 0.35
N GLU B 245 -4.51 4.75 -0.70
CA GLU B 245 -5.94 4.45 -0.59
C GLU B 245 -6.18 3.03 -0.16
N ARG B 246 -5.29 2.15 -0.58
CA ARG B 246 -5.39 0.75 -0.21
C ARG B 246 -5.21 0.54 1.28
N ALA B 247 -4.50 1.44 1.94
CA ALA B 247 -4.23 1.25 3.36
C ALA B 247 -5.22 1.96 4.25
N HIS B 248 -5.71 3.12 3.84
CA HIS B 248 -6.53 3.94 4.72
C HIS B 248 -7.80 4.44 4.04
N GLY B 249 -8.08 3.96 2.84
CA GLY B 249 -9.32 4.30 2.16
C GLY B 249 -10.11 3.02 1.99
N ASP B 250 -11.13 3.07 1.14
CA ASP B 250 -11.87 1.85 0.83
C ASP B 250 -11.55 1.30 -0.56
N THR B 251 -12.08 0.13 -0.86
CA THR B 251 -11.82 -0.51 -2.14
C THR B 251 -12.43 0.25 -3.30
N GLN B 252 -13.60 0.83 -3.04
CA GLN B 252 -14.30 1.61 -4.06
C GLN B 252 -13.46 2.79 -4.54
N HIS B 253 -12.71 3.42 -3.63
CA HIS B 253 -11.89 4.54 -4.05
C HIS B 253 -10.67 4.07 -4.80
N CYS B 254 -10.24 2.85 -4.48
CA CYS B 254 -9.16 2.26 -5.22
C CYS B 254 -9.55 1.94 -6.65
N ARG B 255 -10.74 1.36 -6.85
CA ARG B 255 -11.16 0.99 -8.19
C ARG B 255 -11.27 2.18 -9.12
N LYS B 256 -11.87 3.24 -8.61
CA LYS B 256 -12.10 4.45 -9.39
C LYS B 256 -10.79 5.15 -9.71
N ALA B 257 -9.90 5.20 -8.73
CA ALA B 257 -8.58 5.80 -8.88
C ALA B 257 -7.85 5.07 -9.98
N LEU B 258 -7.94 3.76 -9.93
CA LEU B 258 -7.27 2.89 -10.88
C LEU B 258 -7.94 3.06 -12.25
N HIS B 259 -9.26 3.23 -12.25
CA HIS B 259 -9.99 3.46 -13.49
C HIS B 259 -9.56 4.76 -14.15
N ARG B 260 -9.34 5.78 -13.33
CA ARG B 260 -8.80 7.04 -13.80
C ARG B 260 -7.38 6.90 -14.30
N ALA B 261 -6.59 6.11 -13.57
CA ALA B 261 -5.18 5.88 -13.88
C ALA B 261 -4.88 5.26 -15.24
N VAL B 262 -5.61 4.22 -15.61
CA VAL B 262 -5.42 3.54 -16.89
C VAL B 262 -5.64 4.50 -18.05
N GLN B 263 -6.64 5.37 -17.90
CA GLN B 263 -6.99 6.33 -18.92
C GLN B 263 -5.94 7.43 -19.02
N CYS B 264 -5.24 7.75 -17.93
CA CYS B 264 -4.41 8.94 -17.91
C CYS B 264 -2.93 8.58 -18.06
N THR B 265 -2.54 7.41 -17.54
CA THR B 265 -1.15 6.95 -17.55
C THR B 265 -0.60 6.94 -18.97
N SER B 266 0.56 7.53 -19.21
CA SER B 266 1.09 7.56 -20.58
C SER B 266 2.42 6.84 -20.75
N ASP B 267 3.17 6.64 -19.66
CA ASP B 267 4.48 6.00 -19.78
C ASP B 267 4.44 4.47 -19.73
N TYR B 268 3.91 3.93 -18.63
CA TYR B 268 3.73 2.48 -18.49
C TYR B 268 2.30 2.10 -18.12
N PRO B 269 1.38 2.17 -19.10
CA PRO B 269 -0.03 1.87 -18.86
C PRO B 269 -0.26 0.40 -18.59
N GLU B 270 0.54 -0.45 -19.23
CA GLU B 270 0.42 -1.89 -19.05
C GLU B 270 0.63 -2.27 -17.58
N HIS B 271 1.49 -1.55 -16.88
CA HIS B 271 1.78 -1.85 -15.48
C HIS B 271 0.56 -1.58 -14.61
N VAL B 272 -0.05 -0.42 -14.77
CA VAL B 272 -1.21 -0.04 -13.97
C VAL B 272 -2.39 -0.99 -14.27
N CYS B 273 -2.44 -1.49 -15.49
CA CYS B 273 -3.47 -2.45 -15.88
C CYS B 273 -3.34 -3.73 -15.06
N GLU B 274 -2.11 -4.20 -14.86
CA GLU B 274 -1.90 -5.41 -14.07
C GLU B 274 -2.44 -5.23 -12.66
N VAL B 275 -2.26 -4.03 -12.11
CA VAL B 275 -2.71 -3.78 -10.76
C VAL B 275 -4.22 -3.75 -10.60
N LEU B 276 -4.90 -3.20 -11.60
CA LEU B 276 -6.35 -3.22 -11.57
C LEU B 276 -6.87 -4.64 -11.71
N LEU B 277 -6.34 -5.34 -12.70
CA LEU B 277 -6.73 -6.73 -12.94
C LEU B 277 -6.37 -7.59 -11.75
N THR B 278 -5.19 -7.35 -11.19
CA THR B 278 -4.79 -8.12 -10.03
C THR B 278 -5.73 -7.85 -8.86
N MET B 279 -6.11 -6.58 -8.67
CA MET B 279 -7.00 -6.25 -7.57
C MET B 279 -8.39 -6.86 -7.70
N GLU B 280 -9.00 -6.75 -8.89
CA GLU B 280 -10.35 -7.25 -9.08
C GLU B 280 -10.45 -8.77 -9.01
N ARG B 281 -9.43 -9.42 -9.53
CA ARG B 281 -9.38 -10.87 -9.52
C ARG B 281 -9.30 -11.31 -8.06
N THR B 282 -8.57 -10.54 -7.25
CA THR B 282 -8.38 -10.89 -5.85
C THR B 282 -9.44 -10.32 -4.91
N GLU B 283 -10.14 -9.27 -5.31
CA GLU B 283 -11.09 -8.70 -4.36
C GLU B 283 -12.43 -8.31 -5.00
N GLY B 284 -12.45 -8.20 -6.31
CA GLY B 284 -13.64 -7.70 -6.98
C GLY B 284 -14.60 -8.81 -7.35
N SER B 285 -15.83 -8.42 -7.69
CA SER B 285 -16.81 -9.36 -8.19
C SER B 285 -16.49 -9.72 -9.63
N LEU B 286 -17.20 -10.72 -10.16
CA LEU B 286 -16.98 -11.14 -11.53
C LEU B 286 -17.38 -10.07 -12.53
N GLU B 287 -18.46 -9.34 -12.22
CA GLU B 287 -18.87 -8.25 -13.09
C GLU B 287 -17.80 -7.18 -13.08
N ASP B 288 -17.24 -6.96 -11.89
CA ASP B 288 -16.17 -5.97 -11.71
C ASP B 288 -14.94 -6.33 -12.52
N TRP B 289 -14.60 -7.62 -12.49
CA TRP B 289 -13.48 -8.12 -13.25
C TRP B 289 -13.74 -7.92 -14.74
N ASP B 290 -14.95 -8.24 -15.19
CA ASP B 290 -15.29 -8.14 -16.60
C ASP B 290 -15.21 -6.70 -17.09
N ILE B 291 -15.65 -5.77 -16.25
CA ILE B 291 -15.57 -4.35 -16.57
C ILE B 291 -14.11 -3.95 -16.66
N ALA B 292 -13.31 -4.48 -15.75
CA ALA B 292 -11.89 -4.19 -15.67
C ALA B 292 -11.10 -4.65 -16.90
N VAL B 293 -11.38 -5.86 -17.37
CA VAL B 293 -10.70 -6.40 -18.55
C VAL B 293 -11.05 -5.56 -19.78
N GLN B 294 -12.28 -5.08 -19.84
CA GLN B 294 -12.76 -4.26 -20.95
C GLN B 294 -12.02 -2.94 -21.05
N LYS B 295 -11.89 -2.25 -19.91
CA LYS B 295 -11.26 -0.94 -19.91
C LYS B 295 -9.78 -0.99 -20.31
N THR B 296 -9.05 -1.99 -19.83
CA THR B 296 -7.63 -2.12 -20.15
C THR B 296 -7.30 -2.55 -21.58
N GLU B 297 -8.00 -3.55 -22.10
CA GLU B 297 -7.80 -4.03 -23.46
C GLU B 297 -8.09 -2.85 -24.39
N THR B 298 -9.15 -2.10 -24.10
CA THR B 298 -9.53 -0.95 -24.91
C THR B 298 -8.38 0.06 -24.88
N ARG B 299 -7.86 0.37 -23.70
CA ARG B 299 -6.74 1.30 -23.60
C ARG B 299 -5.53 0.76 -24.35
N LEU B 300 -5.20 -0.50 -24.09
CA LEU B 300 -4.03 -1.16 -24.68
C LEU B 300 -4.11 -1.40 -26.19
N ALA B 301 -5.30 -1.62 -26.72
CA ALA B 301 -5.48 -1.87 -28.14
C ALA B 301 -5.15 -0.60 -28.92
N ARG B 302 -5.64 0.51 -28.39
CA ARG B 302 -5.39 1.83 -28.96
C ARG B 302 -3.91 2.18 -28.81
N VAL B 303 -3.34 1.78 -27.69
CA VAL B 303 -1.91 2.02 -27.43
C VAL B 303 -1.07 1.30 -28.49
N ASN B 304 -1.40 0.05 -28.81
CA ASN B 304 -0.62 -0.68 -29.80
C ASN B 304 -0.83 -0.02 -31.16
N GLU B 305 -2.00 0.58 -31.32
CA GLU B 305 -2.35 1.36 -32.49
C GLU B 305 -1.47 2.61 -32.59
N GLN B 306 -1.07 3.19 -31.47
CA GLN B 306 -0.25 4.39 -31.54
C GLN B 306 1.23 4.06 -31.89
N ARG B 307 1.71 2.92 -31.36
CA ARG B 307 3.04 2.41 -31.64
C ARG B 307 3.21 1.79 -33.03
N MET B 308 2.08 1.41 -33.64
CA MET B 308 2.10 0.90 -35.00
C MET B 308 2.00 2.00 -36.05
N LYS B 309 1.27 3.08 -35.76
CA LYS B 309 1.23 4.19 -36.71
C LYS B 309 2.54 4.95 -36.66
N ALA B 310 3.29 4.75 -35.59
CA ALA B 310 4.54 5.47 -35.40
C ALA B 310 5.65 4.63 -36.02
N ALA B 311 5.36 3.34 -36.17
CA ALA B 311 6.27 2.39 -36.80
C ALA B 311 6.03 2.33 -38.31
N ARG C 13 -20.60 -29.04 31.30
CA ARG C 13 -21.91 -29.13 31.95
C ARG C 13 -22.99 -28.13 31.51
N PRO C 14 -22.62 -26.92 31.05
CA PRO C 14 -23.75 -26.08 30.63
C PRO C 14 -24.33 -26.47 29.27
N ASP C 15 -25.24 -25.65 28.76
CA ASP C 15 -25.92 -25.94 27.50
C ASP C 15 -24.92 -25.91 26.33
N ALA C 16 -25.31 -26.51 25.21
CA ALA C 16 -24.45 -26.56 24.04
C ALA C 16 -24.18 -25.17 23.45
N GLU C 17 -25.18 -24.29 23.52
CA GLU C 17 -25.03 -22.94 22.97
C GLU C 17 -24.30 -22.01 23.96
N THR C 18 -24.19 -22.46 25.20
CA THR C 18 -23.36 -21.76 26.18
C THR C 18 -21.90 -22.02 25.82
N GLN C 19 -21.60 -23.29 25.55
CA GLN C 19 -20.25 -23.72 25.22
C GLN C 19 -19.78 -23.09 23.92
N LYS C 20 -20.67 -23.11 22.93
CA LYS C 20 -20.35 -22.57 21.60
C LYS C 20 -20.13 -21.06 21.65
N SER C 21 -20.92 -20.37 22.45
CA SER C 21 -20.81 -18.92 22.59
C SER C 21 -19.55 -18.52 23.35
N GLU C 22 -19.06 -19.43 24.20
CA GLU C 22 -17.90 -19.17 25.03
C GLU C 22 -16.58 -19.30 24.28
N LEU C 23 -16.45 -20.35 23.47
CA LEU C 23 -15.22 -20.59 22.72
C LEU C 23 -15.22 -19.86 21.38
N GLY C 24 -16.35 -19.25 21.05
CA GLY C 24 -16.45 -18.42 19.85
C GLY C 24 -15.33 -17.41 19.70
N PRO C 25 -15.07 -16.62 20.76
CA PRO C 25 -13.97 -15.66 20.70
C PRO C 25 -12.56 -16.24 20.97
N LEU C 26 -12.34 -17.52 20.68
CA LEU C 26 -10.99 -18.09 20.75
C LEU C 26 -10.23 -17.71 19.49
N MET C 27 -10.96 -17.52 18.39
CA MET C 27 -10.40 -17.22 17.09
C MET C 27 -9.51 -15.98 17.08
N ARG C 28 -9.97 -14.92 17.73
CA ARG C 28 -9.28 -13.63 17.71
C ARG C 28 -7.95 -13.67 18.43
N THR C 29 -7.75 -14.69 19.26
CA THR C 29 -6.51 -14.85 20.00
C THR C 29 -5.35 -15.05 19.05
N THR C 30 -4.72 -13.94 18.66
CA THR C 30 -3.52 -14.01 17.84
C THR C 30 -2.42 -14.72 18.60
N LEU C 31 -1.59 -15.46 17.87
CA LEU C 31 -0.49 -16.19 18.48
C LEU C 31 0.52 -15.17 18.98
N GLN C 32 0.90 -15.26 20.24
CA GLN C 32 1.83 -14.30 20.78
C GLN C 32 2.99 -14.96 21.47
N ARG C 33 4.12 -14.28 21.49
CA ARG C 33 5.32 -14.81 22.09
C ARG C 33 5.10 -15.02 23.56
N GLY C 34 5.80 -15.99 24.13
CA GLY C 34 5.66 -16.30 25.53
C GLY C 34 4.22 -16.67 25.74
N ALA C 35 3.68 -17.36 24.75
CA ALA C 35 2.28 -17.70 24.70
C ALA C 35 2.07 -19.16 24.99
N GLN C 36 1.11 -19.45 25.84
CA GLN C 36 0.84 -20.84 26.15
C GLN C 36 -0.37 -21.35 25.41
N TRP C 37 -0.06 -22.38 24.65
CA TRP C 37 -0.90 -23.12 23.68
C TRP C 37 -0.76 -24.64 23.81
N TYR C 38 -1.76 -25.37 23.33
CA TYR C 38 -1.84 -26.82 23.56
C TYR C 38 -2.27 -27.61 22.32
N LEU C 39 -2.27 -28.94 22.46
CA LEU C 39 -2.62 -29.84 21.36
C LEU C 39 -3.86 -30.69 21.66
N ILE C 40 -4.78 -30.71 20.70
CA ILE C 40 -5.99 -31.52 20.80
C ILE C 40 -6.21 -32.32 19.51
N ASP C 41 -6.52 -33.60 19.65
CA ASP C 41 -6.80 -34.44 18.49
C ASP C 41 -7.95 -33.84 17.70
N SER C 42 -7.70 -33.59 16.41
CA SER C 42 -8.69 -32.99 15.53
C SER C 42 -9.97 -33.82 15.49
N ARG C 43 -9.81 -35.13 15.56
CA ARG C 43 -10.94 -36.05 15.48
C ARG C 43 -11.91 -35.83 16.63
N TRP C 44 -11.37 -35.67 17.83
CA TRP C 44 -12.19 -35.37 18.99
C TRP C 44 -12.85 -34.02 18.79
N PHE C 45 -12.03 -33.04 18.40
CA PHE C 45 -12.48 -31.65 18.32
C PHE C 45 -13.54 -31.46 17.27
N LYS C 46 -13.38 -32.09 16.11
CA LYS C 46 -14.36 -31.97 15.05
C LYS C 46 -15.71 -32.54 15.53
N GLN C 47 -15.65 -33.61 16.32
CA GLN C 47 -16.87 -34.16 16.92
C GLN C 47 -17.52 -33.15 17.86
N TRP C 48 -16.71 -32.48 18.67
CA TRP C 48 -17.22 -31.43 19.54
C TRP C 48 -17.81 -30.29 18.72
N LYS C 49 -17.10 -29.90 17.67
CA LYS C 49 -17.56 -28.86 16.75
C LYS C 49 -18.97 -29.18 16.25
N LYS C 50 -19.16 -30.42 15.82
CA LYS C 50 -20.46 -30.89 15.36
C LYS C 50 -21.45 -30.88 16.52
N TYR C 51 -20.96 -31.21 17.71
CA TYR C 51 -21.82 -31.35 18.90
C TYR C 51 -22.46 -30.06 19.34
N VAL C 52 -21.73 -28.96 19.25
CA VAL C 52 -22.29 -27.68 19.63
C VAL C 52 -22.61 -26.88 18.38
N GLY C 53 -22.44 -27.52 17.23
CA GLY C 53 -22.64 -26.86 15.94
C GLY C 53 -21.86 -25.57 15.87
N PHE C 54 -20.63 -25.61 16.37
CA PHE C 54 -19.80 -24.41 16.41
C PHE C 54 -19.70 -23.81 15.03
N ASP C 55 -19.38 -24.65 14.06
CA ASP C 55 -19.44 -24.25 12.67
C ASP C 55 -20.91 -24.03 12.33
N SER C 56 -21.26 -22.81 11.97
CA SER C 56 -22.64 -22.45 11.68
C SER C 56 -23.26 -23.33 10.60
N TRP C 57 -22.45 -23.68 9.60
CA TRP C 57 -22.94 -24.49 8.48
C TRP C 57 -23.34 -25.91 8.89
N ASP C 58 -22.65 -26.48 9.87
CA ASP C 58 -22.98 -27.81 10.39
C ASP C 58 -23.54 -27.74 11.81
N MET C 59 -24.85 -27.84 11.93
CA MET C 59 -25.52 -27.84 13.23
C MET C 59 -26.75 -28.76 13.25
N TYR C 60 -26.78 -29.72 12.33
CA TYR C 60 -27.98 -30.55 12.16
C TYR C 60 -28.28 -31.39 13.38
N ASN C 61 -27.26 -32.06 13.89
CA ASN C 61 -27.45 -32.97 15.01
C ASN C 61 -27.49 -32.24 16.35
N VAL C 62 -27.15 -30.95 16.33
CA VAL C 62 -27.13 -30.11 17.53
C VAL C 62 -26.46 -30.85 18.69
N GLY C 63 -27.07 -30.79 19.87
CA GLY C 63 -26.52 -31.45 21.04
C GLY C 63 -27.09 -32.83 21.30
N GLU C 64 -27.62 -33.46 20.24
CA GLU C 64 -28.09 -34.84 20.32
C GLU C 64 -26.95 -35.74 20.82
N HIS C 65 -27.28 -36.65 21.73
CA HIS C 65 -26.26 -37.37 22.49
C HIS C 65 -25.33 -38.29 21.70
N ASN C 66 -25.81 -38.85 20.59
CA ASN C 66 -24.98 -39.73 19.77
C ASN C 66 -23.70 -39.02 19.34
N LEU C 67 -23.80 -37.71 19.20
CA LEU C 67 -22.68 -36.89 18.77
C LEU C 67 -21.77 -36.50 19.95
N PHE C 68 -22.05 -37.03 21.15
CA PHE C 68 -21.32 -36.61 22.34
C PHE C 68 -19.84 -36.99 22.35
N PRO C 69 -18.95 -35.98 22.46
CA PRO C 69 -17.49 -36.15 22.45
C PRO C 69 -16.98 -36.99 23.61
N GLY C 70 -17.52 -36.76 24.79
CA GLY C 70 -17.07 -37.46 25.99
C GLY C 70 -15.77 -36.87 26.51
N PRO C 71 -15.03 -37.67 27.30
CA PRO C 71 -13.76 -37.19 27.85
C PRO C 71 -12.74 -37.01 26.74
N ILE C 72 -11.88 -36.00 26.88
CA ILE C 72 -10.90 -35.75 25.84
C ILE C 72 -9.97 -36.93 25.72
N ASP C 73 -9.73 -37.33 24.47
CA ASP C 73 -8.82 -38.42 24.17
C ASP C 73 -7.81 -38.01 23.10
N ASN C 74 -6.54 -37.96 23.48
CA ASN C 74 -5.47 -37.65 22.55
C ASN C 74 -4.45 -38.76 22.51
N SER C 75 -4.91 -39.97 22.83
CA SER C 75 -4.03 -41.14 22.91
C SER C 75 -3.37 -41.42 21.57
N GLY C 76 -4.12 -41.23 20.49
CA GLY C 76 -3.63 -41.51 19.16
C GLY C 76 -2.39 -40.72 18.79
N LEU C 77 -2.32 -39.49 19.29
CA LEU C 77 -1.23 -38.59 18.95
C LEU C 77 0.12 -39.06 19.47
N PHE C 78 0.14 -39.59 20.69
CA PHE C 78 1.39 -40.02 21.32
C PHE C 78 2.03 -41.18 20.56
N SER C 79 3.36 -41.26 20.64
CA SER C 79 4.09 -42.38 20.07
C SER C 79 4.11 -43.52 21.09
N ASP C 80 4.79 -43.29 22.21
CA ASP C 80 4.77 -44.23 23.32
C ASP C 80 3.73 -43.79 24.33
N PRO C 81 2.72 -44.65 24.59
CA PRO C 81 1.60 -44.34 25.48
C PRO C 81 2.03 -44.06 26.92
N GLU C 82 3.02 -44.81 27.41
CA GLU C 82 3.52 -44.64 28.77
C GLU C 82 4.26 -43.31 28.94
N SER C 83 5.19 -43.04 28.04
CA SER C 83 6.05 -41.86 28.12
C SER C 83 5.33 -40.59 27.67
N GLN C 84 4.19 -40.77 27.00
CA GLN C 84 3.37 -39.66 26.50
C GLN C 84 4.09 -38.78 25.48
N THR C 85 5.20 -39.28 24.93
CA THR C 85 5.92 -38.57 23.88
C THR C 85 5.11 -38.62 22.59
N LEU C 86 5.03 -37.49 21.89
CA LEU C 86 4.18 -37.39 20.71
C LEU C 86 4.77 -37.99 19.44
N LYS C 87 3.91 -38.21 18.45
CA LYS C 87 4.30 -38.76 17.16
C LYS C 87 4.99 -37.69 16.32
N GLU C 88 5.75 -38.12 15.32
CA GLU C 88 6.38 -37.18 14.39
C GLU C 88 5.47 -36.96 13.18
N HIS C 89 5.75 -35.91 12.42
CA HIS C 89 4.99 -35.52 11.22
C HIS C 89 3.53 -35.13 11.49
N LEU C 90 3.24 -34.71 12.73
CA LEU C 90 1.91 -34.19 13.06
C LEU C 90 1.74 -32.77 12.52
N ILE C 91 0.70 -32.61 11.69
CA ILE C 91 0.35 -31.35 11.03
C ILE C 91 -0.68 -30.54 11.83
N ASP C 92 -0.89 -29.27 11.46
CA ASP C 92 -1.84 -28.44 12.22
C ASP C 92 -3.33 -28.65 11.95
N GLU C 93 -3.75 -28.52 10.71
CA GLU C 93 -5.19 -28.51 10.48
C GLU C 93 -5.78 -29.88 10.15
N LEU C 94 -4.95 -30.92 10.15
CA LEU C 94 -5.47 -32.26 9.88
C LEU C 94 -5.48 -33.17 11.10
N ASP C 95 -4.31 -33.47 11.66
CA ASP C 95 -4.25 -34.44 12.76
C ASP C 95 -4.60 -33.84 14.13
N TYR C 96 -4.24 -32.57 14.35
CA TYR C 96 -4.62 -31.94 15.60
C TYR C 96 -5.31 -30.60 15.38
N VAL C 97 -5.41 -29.83 16.45
CA VAL C 97 -5.93 -28.46 16.39
C VAL C 97 -5.53 -27.70 17.65
N LEU C 98 -4.82 -26.60 17.46
CA LEU C 98 -4.30 -25.82 18.59
C LEU C 98 -5.41 -25.18 19.42
N VAL C 99 -5.04 -24.67 20.58
CA VAL C 99 -6.02 -24.18 21.56
C VAL C 99 -5.37 -23.26 22.59
N PRO C 100 -6.00 -22.11 22.86
CA PRO C 100 -5.52 -21.16 23.88
C PRO C 100 -5.64 -21.71 25.30
N THR C 101 -5.09 -20.99 26.27
CA THR C 101 -5.07 -21.45 27.66
C THR C 101 -6.46 -21.61 28.26
N GLU C 102 -7.20 -20.51 28.33
CA GLU C 102 -8.52 -20.53 28.94
C GLU C 102 -9.47 -21.49 28.23
N ALA C 103 -9.26 -21.66 26.93
CA ALA C 103 -10.07 -22.59 26.14
C ALA C 103 -9.85 -24.03 26.59
N TRP C 104 -8.67 -24.31 27.13
CA TRP C 104 -8.38 -25.61 27.69
C TRP C 104 -9.13 -25.80 29.01
N ASN C 105 -8.91 -24.87 29.94
CA ASN C 105 -9.54 -24.92 31.25
C ASN C 105 -11.06 -25.09 31.19
N LYS C 106 -11.69 -24.34 30.28
CA LYS C 106 -13.13 -24.48 30.06
C LYS C 106 -13.45 -25.86 29.52
N LEU C 107 -12.73 -26.26 28.48
CA LEU C 107 -12.94 -27.55 27.84
C LEU C 107 -12.43 -28.72 28.70
N LEU C 108 -11.53 -28.41 29.64
CA LEU C 108 -11.13 -29.38 30.67
C LEU C 108 -12.31 -29.63 31.60
N ASN C 109 -12.77 -28.55 32.21
CA ASN C 109 -13.84 -28.59 33.21
C ASN C 109 -15.09 -29.29 32.70
N TRP C 110 -15.45 -29.01 31.45
CA TRP C 110 -16.70 -29.52 30.88
C TRP C 110 -16.67 -31.01 30.56
N TYR C 111 -15.52 -31.51 30.13
CA TYR C 111 -15.42 -32.88 29.63
C TYR C 111 -14.39 -33.76 30.35
N GLY C 112 -13.45 -33.14 31.05
CA GLY C 112 -12.38 -33.88 31.69
C GLY C 112 -11.43 -34.48 30.67
N CYS C 113 -10.71 -35.52 31.06
CA CYS C 113 -9.78 -36.17 30.15
C CYS C 113 -9.60 -37.65 30.49
N VAL C 114 -9.07 -38.41 29.53
CA VAL C 114 -8.74 -39.81 29.75
C VAL C 114 -7.66 -39.92 30.81
N GLU C 115 -7.89 -40.78 31.79
CA GLU C 115 -6.94 -40.98 32.89
C GLU C 115 -5.56 -41.41 32.40
N GLY C 116 -4.52 -40.88 33.04
CA GLY C 116 -3.15 -41.20 32.69
C GLY C 116 -2.60 -40.25 31.64
N GLN C 117 -3.30 -39.14 31.44
CA GLN C 117 -2.89 -38.15 30.44
C GLN C 117 -2.60 -36.79 31.08
N GLN C 118 -1.70 -36.04 30.46
CA GLN C 118 -1.37 -34.69 30.89
C GLN C 118 -1.47 -33.74 29.71
N PRO C 119 -1.94 -32.51 29.95
CA PRO C 119 -2.08 -31.48 28.91
C PRO C 119 -0.79 -31.27 28.12
N ILE C 120 -0.93 -31.22 26.79
CA ILE C 120 0.20 -31.00 25.90
C ILE C 120 0.45 -29.52 25.62
N VAL C 121 0.96 -28.81 26.61
CA VAL C 121 1.29 -27.40 26.44
C VAL C 121 2.57 -27.26 25.60
N ARG C 122 2.56 -26.17 24.84
CA ARG C 122 3.63 -25.69 24.01
C ARG C 122 3.36 -24.21 23.89
N LYS C 123 4.37 -23.43 23.53
CA LYS C 123 4.22 -21.99 23.39
C LYS C 123 4.77 -21.48 22.07
N VAL C 124 4.13 -20.46 21.51
CA VAL C 124 4.58 -19.89 20.26
C VAL C 124 5.87 -19.12 20.41
N VAL C 125 6.65 -19.09 19.34
CA VAL C 125 7.92 -18.39 19.31
C VAL C 125 8.09 -17.73 17.98
N GLU C 126 8.93 -16.72 17.90
CA GLU C 126 9.09 -16.02 16.63
C GLU C 126 10.10 -16.75 15.76
N HIS C 127 9.64 -17.24 14.61
CA HIS C 127 10.56 -17.84 13.65
C HIS C 127 10.24 -17.47 12.20
N GLY C 128 11.19 -17.69 11.32
CA GLY C 128 11.09 -17.25 9.94
C GLY C 128 12.38 -16.60 9.52
N LEU C 129 13.00 -17.15 8.48
CA LEU C 129 14.30 -16.68 8.03
C LEU C 129 14.27 -15.21 7.64
N PHE C 130 13.39 -14.87 6.69
CA PHE C 130 13.31 -13.53 6.14
C PHE C 130 12.20 -12.71 6.78
N VAL C 131 10.96 -13.08 6.48
CA VAL C 131 9.82 -12.44 7.12
C VAL C 131 9.57 -13.12 8.46
N LYS C 132 9.68 -12.37 9.54
CA LYS C 132 9.45 -12.93 10.87
C LYS C 132 7.95 -13.16 11.08
N HIS C 133 7.60 -14.23 11.78
CA HIS C 133 6.20 -14.53 12.06
C HIS C 133 5.97 -15.45 13.24
N CYS C 134 4.75 -15.50 13.77
CA CYS C 134 4.45 -16.29 14.95
C CYS C 134 3.81 -17.64 14.61
N LYS C 135 4.32 -18.68 15.25
CA LYS C 135 3.79 -20.02 15.06
C LYS C 135 4.12 -20.81 16.32
N VAL C 136 3.24 -21.72 16.71
CA VAL C 136 3.47 -22.54 17.89
C VAL C 136 4.64 -23.47 17.67
N GLU C 137 5.71 -23.31 18.45
CA GLU C 137 6.89 -24.14 18.29
C GLU C 137 6.60 -25.57 18.70
N VAL C 138 6.86 -26.48 17.78
CA VAL C 138 6.69 -27.88 18.05
C VAL C 138 7.63 -28.64 17.16
N TYR C 139 7.81 -29.92 17.44
CA TYR C 139 8.66 -30.69 16.57
C TYR C 139 10.01 -30.00 16.47
N LEU C 140 10.52 -29.48 17.57
CA LEU C 140 11.86 -28.91 17.53
C LEU C 140 12.72 -30.12 17.26
N LEU C 141 13.86 -29.96 16.61
CA LEU C 141 14.66 -31.13 16.25
C LEU C 141 15.88 -31.31 17.15
N GLU C 142 16.03 -32.50 17.73
CA GLU C 142 17.17 -32.76 18.57
C GLU C 142 18.39 -32.44 17.72
N LEU C 143 19.00 -31.30 18.02
CA LEU C 143 20.16 -30.87 17.26
C LEU C 143 21.34 -31.73 17.63
N LYS C 144 22.07 -32.19 16.61
CA LYS C 144 23.24 -33.02 16.83
C LYS C 144 24.37 -32.18 17.41
N LEU C 145 24.97 -32.65 18.49
CA LEU C 145 26.08 -31.95 19.12
C LEU C 145 27.29 -32.87 19.19
N CYS C 146 28.48 -32.28 19.20
CA CYS C 146 29.70 -33.07 19.16
C CYS C 146 30.90 -32.31 19.72
N GLU C 147 32.05 -32.99 19.79
CA GLU C 147 33.28 -32.39 20.30
C GLU C 147 34.38 -32.46 19.24
N ASN C 148 35.36 -31.58 19.36
CA ASN C 148 36.47 -31.51 18.40
C ASN C 148 37.34 -32.77 18.45
N SER C 149 37.42 -33.38 19.63
CA SER C 149 38.29 -34.54 19.83
C SER C 149 37.70 -35.86 19.35
N ASP C 150 36.38 -35.98 19.43
CA ASP C 150 35.71 -37.23 19.06
C ASP C 150 34.71 -37.03 17.91
N PRO C 151 35.15 -37.30 16.68
CA PRO C 151 34.31 -37.10 15.48
C PRO C 151 33.13 -38.07 15.42
N THR C 152 33.29 -39.24 16.04
CA THR C 152 32.25 -40.27 16.00
C THR C 152 31.10 -39.97 16.98
N ASN C 153 31.45 -39.56 18.19
CA ASN C 153 30.46 -39.29 19.23
C ASN C 153 29.55 -38.09 18.91
N VAL C 154 28.24 -38.34 18.88
CA VAL C 154 27.26 -37.30 18.58
C VAL C 154 26.06 -37.34 19.54
N LEU C 155 25.81 -36.23 20.22
CA LEU C 155 24.66 -36.11 21.10
C LEU C 155 23.52 -35.36 20.40
N SER C 156 22.28 -35.68 20.73
CA SER C 156 21.12 -35.05 20.10
C SER C 156 20.23 -34.37 21.13
N CYS C 157 20.40 -33.06 21.31
CA CYS C 157 19.67 -32.31 22.32
C CYS C 157 18.62 -31.38 21.71
N HIS C 158 17.52 -31.19 22.43
CA HIS C 158 16.43 -30.33 21.98
C HIS C 158 16.70 -28.85 22.29
N PHE C 159 16.45 -28.01 21.29
CA PHE C 159 16.68 -26.57 21.46
C PHE C 159 15.50 -25.75 20.95
N SER C 160 14.92 -24.94 21.83
CA SER C 160 13.84 -24.03 21.47
C SER C 160 14.38 -22.98 20.51
N LYS C 161 13.50 -22.44 19.67
CA LYS C 161 13.91 -21.42 18.73
C LYS C 161 14.27 -20.11 19.45
N ALA C 162 13.54 -19.83 20.52
CA ALA C 162 13.77 -18.63 21.32
C ALA C 162 15.11 -18.70 22.05
N ASP C 163 15.59 -19.94 22.24
CA ASP C 163 16.88 -20.15 22.86
C ASP C 163 17.99 -19.51 22.05
N THR C 164 18.82 -18.72 22.73
CA THR C 164 19.96 -18.08 22.10
C THR C 164 21.14 -19.06 22.00
N ILE C 165 22.07 -18.75 21.11
CA ILE C 165 23.24 -19.59 20.96
C ILE C 165 23.95 -19.66 22.31
N ALA C 166 23.98 -18.55 23.05
CA ALA C 166 24.66 -18.56 24.34
C ALA C 166 24.11 -19.68 25.22
N THR C 167 22.78 -19.81 25.24
CA THR C 167 22.11 -20.90 25.94
C THR C 167 22.60 -22.23 25.35
N ILE C 168 22.71 -22.25 24.02
CA ILE C 168 23.22 -23.43 23.32
C ILE C 168 24.67 -23.71 23.71
N GLU C 169 25.47 -22.64 23.84
CA GLU C 169 26.87 -22.80 24.22
C GLU C 169 26.97 -23.37 25.62
N LYS C 170 26.27 -22.73 26.56
CA LYS C 170 26.20 -23.18 27.95
C LYS C 170 25.89 -24.67 28.07
N GLU C 171 24.91 -25.13 27.29
CA GLU C 171 24.52 -26.54 27.32
C GLU C 171 25.59 -27.44 26.72
N MET C 172 26.33 -26.93 25.76
CA MET C 172 27.44 -27.68 25.18
C MET C 172 28.57 -27.82 26.20
N ARG C 173 28.84 -26.73 26.90
CA ARG C 173 29.90 -26.70 27.91
C ARG C 173 29.62 -27.66 29.05
N LYS C 174 28.35 -27.83 29.40
CA LYS C 174 27.99 -28.65 30.56
C LYS C 174 28.18 -30.15 30.32
N LEU C 175 28.04 -30.61 29.09
CA LEU C 175 28.04 -32.04 28.80
C LEU C 175 29.37 -32.55 28.28
N PHE C 176 30.35 -31.67 28.15
CA PHE C 176 31.64 -32.16 27.68
C PHE C 176 32.74 -31.77 28.66
N ASN C 177 32.40 -31.82 29.94
CA ASN C 177 33.29 -31.46 31.06
C ASN C 177 34.22 -30.27 30.84
N ILE C 178 33.63 -29.16 30.37
CA ILE C 178 34.38 -27.95 30.16
C ILE C 178 33.88 -26.84 31.08
N PRO C 179 34.79 -26.30 31.87
CA PRO C 179 34.50 -25.17 32.77
C PRO C 179 34.59 -23.81 32.08
N ALA C 180 34.34 -22.75 32.85
CA ALA C 180 34.14 -21.40 32.30
C ALA C 180 35.39 -20.68 31.81
N GLU C 181 36.53 -20.91 32.46
CA GLU C 181 37.72 -20.09 32.22
C GLU C 181 38.27 -20.11 30.79
N ARG C 182 38.31 -21.28 30.16
CA ARG C 182 38.87 -21.37 28.82
C ARG C 182 37.88 -20.94 27.74
N GLU C 183 38.40 -20.34 26.68
CA GLU C 183 37.58 -19.81 25.60
C GLU C 183 37.01 -20.92 24.72
N THR C 184 36.18 -20.53 23.75
CA THR C 184 35.51 -21.49 22.89
C THR C 184 35.15 -20.89 21.53
N ARG C 185 35.13 -21.74 20.50
CA ARG C 185 34.64 -21.35 19.18
C ARG C 185 33.56 -22.32 18.75
N LEU C 186 32.54 -21.79 18.06
CA LEU C 186 31.45 -22.62 17.57
C LEU C 186 31.31 -22.44 16.07
N TRP C 187 31.03 -23.53 15.37
CA TRP C 187 30.97 -23.49 13.90
C TRP C 187 29.84 -24.32 13.33
N ASN C 188 29.40 -23.96 12.13
CA ASN C 188 28.26 -24.62 11.49
C ASN C 188 28.54 -25.02 10.03
N LYS C 189 28.65 -26.32 9.79
CA LYS C 189 28.85 -26.83 8.44
C LYS C 189 27.54 -27.34 7.84
N TYR C 190 26.69 -26.40 7.43
CA TYR C 190 25.37 -26.73 6.89
C TYR C 190 25.26 -26.40 5.41
N MET C 191 25.01 -27.44 4.60
CA MET C 191 24.82 -27.33 3.14
C MET C 191 25.72 -26.32 2.44
N SER C 192 26.98 -26.25 2.87
CA SER C 192 27.88 -25.22 2.39
C SER C 192 29.26 -25.77 2.01
N ASN C 193 29.47 -27.06 2.25
CA ASN C 193 30.76 -27.68 2.00
C ASN C 193 31.84 -27.12 2.92
N THR C 194 32.07 -25.82 2.81
CA THR C 194 33.03 -25.12 3.65
C THR C 194 32.55 -25.03 5.10
N TYR C 195 33.51 -24.91 6.02
CA TYR C 195 33.18 -24.79 7.45
C TYR C 195 33.11 -23.33 7.86
N GLU C 196 31.91 -22.87 8.20
CA GLU C 196 31.75 -21.50 8.69
C GLU C 196 32.21 -21.41 10.14
N GLN C 197 32.06 -20.23 10.74
CA GLN C 197 32.28 -20.08 12.17
C GLN C 197 31.30 -19.07 12.77
N LEU C 198 30.55 -19.53 13.77
CA LEU C 198 29.57 -18.72 14.45
C LEU C 198 30.22 -17.58 15.23
N SER C 199 29.65 -16.40 15.12
CA SER C 199 30.24 -15.20 15.71
C SER C 199 29.42 -14.62 16.86
N LYS C 200 28.14 -14.38 16.62
CA LYS C 200 27.28 -13.73 17.62
C LYS C 200 26.87 -14.68 18.75
N LEU C 201 27.07 -14.23 19.99
CA LEU C 201 26.65 -14.97 21.17
C LEU C 201 25.48 -14.25 21.87
N ASP C 202 24.72 -13.48 21.10
CA ASP C 202 23.52 -12.84 21.62
C ASP C 202 22.20 -13.23 20.91
N ASN C 203 22.24 -13.43 19.60
CA ASN C 203 21.01 -13.67 18.82
C ASN C 203 20.33 -15.04 19.07
N THR C 204 19.16 -15.26 18.48
CA THR C 204 18.50 -16.55 18.66
C THR C 204 19.10 -17.61 17.74
N VAL C 205 18.43 -18.75 17.64
CA VAL C 205 18.89 -19.81 16.74
C VAL C 205 18.23 -19.59 15.38
N GLN C 206 17.18 -18.77 15.37
CA GLN C 206 16.41 -18.52 14.15
C GLN C 206 17.05 -17.49 13.23
N ASP C 207 17.48 -16.37 13.79
CA ASP C 207 18.15 -15.35 13.00
C ASP C 207 19.51 -15.86 12.49
N ALA C 208 20.04 -16.88 13.17
CA ALA C 208 21.20 -17.60 12.69
C ALA C 208 20.77 -18.58 11.60
N GLY C 209 19.58 -19.16 11.78
CA GLY C 209 19.00 -20.04 10.80
C GLY C 209 19.65 -21.41 10.74
N LEU C 210 19.84 -22.03 11.89
CA LEU C 210 20.40 -23.37 11.95
C LEU C 210 19.34 -24.41 11.59
N TYR C 211 19.72 -25.43 10.82
CA TYR C 211 18.79 -26.49 10.47
C TYR C 211 18.73 -27.60 11.51
N GLN C 212 17.54 -28.20 11.60
CA GLN C 212 17.20 -29.31 12.47
C GLN C 212 18.16 -30.51 12.39
N GLY C 213 18.34 -31.21 13.51
CA GLY C 213 19.14 -32.42 13.58
C GLY C 213 20.48 -32.39 12.87
N GLN C 214 21.33 -31.42 13.24
CA GLN C 214 22.60 -31.21 12.54
C GLN C 214 23.74 -30.92 13.51
N VAL C 215 24.92 -31.44 13.19
CA VAL C 215 26.05 -31.39 14.10
C VAL C 215 26.62 -29.99 14.33
N LEU C 216 26.23 -29.38 15.44
CA LEU C 216 26.87 -28.17 15.94
C LEU C 216 27.88 -28.62 16.99
N VAL C 217 29.16 -28.50 16.67
CA VAL C 217 30.21 -29.16 17.43
C VAL C 217 31.23 -28.19 18.05
N ILE C 218 31.58 -28.43 19.32
CA ILE C 218 32.54 -27.59 20.02
C ILE C 218 33.71 -28.42 20.55
N CYS D 10 -37.23 31.70 27.25
CA CYS D 10 -37.14 31.47 25.81
C CYS D 10 -35.75 30.97 25.43
N ARG D 11 -34.76 31.31 26.24
CA ARG D 11 -33.37 30.90 26.03
C ARG D 11 -32.82 30.07 27.18
N GLU D 12 -32.51 28.81 26.89
CA GLU D 12 -31.90 27.95 27.88
C GLU D 12 -30.60 27.39 27.32
N ARG D 13 -29.50 27.61 28.03
CA ARG D 13 -28.20 27.13 27.58
C ARG D 13 -27.39 26.47 28.69
N PRO D 14 -26.83 25.29 28.41
CA PRO D 14 -25.91 24.57 29.31
C PRO D 14 -24.58 25.31 29.48
N ASP D 15 -23.83 24.95 30.53
CA ASP D 15 -22.51 25.54 30.78
C ASP D 15 -21.55 25.23 29.64
N ALA D 16 -20.43 25.94 29.59
CA ALA D 16 -19.46 25.78 28.50
C ALA D 16 -18.96 24.34 28.39
N GLU D 17 -18.59 23.76 29.52
CA GLU D 17 -18.05 22.40 29.56
C GLU D 17 -18.97 21.39 28.89
N THR D 18 -20.28 21.54 29.10
CA THR D 18 -21.26 20.71 28.41
C THR D 18 -21.22 20.98 26.91
N GLN D 19 -21.27 22.25 26.53
CA GLN D 19 -21.18 22.64 25.12
C GLN D 19 -20.00 21.96 24.44
N LYS D 20 -18.84 22.09 25.06
CA LYS D 20 -17.59 21.53 24.57
C LYS D 20 -17.73 20.08 24.19
N SER D 21 -18.37 19.32 25.07
CA SER D 21 -18.65 17.90 24.83
C SER D 21 -19.54 17.70 23.61
N GLU D 22 -20.66 18.43 23.54
CA GLU D 22 -21.62 18.25 22.45
C GLU D 22 -21.00 18.55 21.09
N LEU D 23 -20.28 19.66 21.00
CA LEU D 23 -19.64 20.06 19.76
C LEU D 23 -18.31 19.34 19.50
N GLY D 24 -17.82 18.60 20.50
CA GLY D 24 -16.67 17.73 20.30
C GLY D 24 -16.91 16.84 19.10
N PRO D 25 -17.84 15.87 19.24
CA PRO D 25 -18.47 15.09 18.19
C PRO D 25 -18.75 15.77 16.84
N LEU D 26 -18.95 17.09 16.77
CA LEU D 26 -19.04 17.76 15.46
C LEU D 26 -17.88 17.36 14.58
N MET D 27 -16.71 17.25 15.21
CA MET D 27 -15.45 16.95 14.54
C MET D 27 -15.54 15.67 13.71
N ARG D 28 -16.11 14.63 14.29
CA ARG D 28 -16.17 13.32 13.65
C ARG D 28 -16.86 13.43 12.31
N THR D 29 -17.85 14.31 12.22
CA THR D 29 -18.68 14.42 11.04
C THR D 29 -17.80 14.65 9.83
N THR D 30 -17.95 13.76 8.85
CA THR D 30 -17.14 13.79 7.65
C THR D 30 -17.95 14.40 6.53
N LEU D 31 -17.26 14.92 5.52
CA LEU D 31 -17.95 15.52 4.39
C LEU D 31 -18.51 14.41 3.50
N GLN D 32 -19.82 14.33 3.44
CA GLN D 32 -20.47 13.31 2.67
C GLN D 32 -21.33 13.96 1.63
N ARG D 33 -21.46 13.31 0.49
CA ARG D 33 -22.18 13.91 -0.58
C ARG D 33 -23.59 14.12 -0.12
N GLY D 34 -24.11 15.28 -0.44
CA GLY D 34 -25.49 15.65 -0.17
C GLY D 34 -25.75 16.23 1.19
N ALA D 35 -24.76 16.18 2.05
CA ALA D 35 -24.88 16.77 3.38
C ALA D 35 -24.85 18.29 3.30
N GLN D 36 -25.52 18.93 4.24
CA GLN D 36 -25.57 20.39 4.29
C GLN D 36 -24.79 20.94 5.48
N TRP D 37 -23.77 21.73 5.18
CA TRP D 37 -22.93 22.31 6.21
C TRP D 37 -23.11 23.82 6.25
N TYR D 38 -22.86 24.43 7.41
CA TYR D 38 -23.08 25.86 7.58
C TYR D 38 -21.78 26.65 7.78
N LEU D 39 -21.72 27.83 7.17
CA LEU D 39 -20.58 28.72 7.33
C LEU D 39 -20.75 29.61 8.58
N ILE D 40 -19.65 29.75 9.32
CA ILE D 40 -19.61 30.62 10.48
C ILE D 40 -18.33 31.45 10.43
N ASP D 41 -18.42 32.75 10.69
CA ASP D 41 -17.22 33.56 10.70
C ASP D 41 -16.27 33.00 11.74
N SER D 42 -15.01 32.83 11.35
CA SER D 42 -13.99 32.27 12.25
C SER D 42 -13.64 33.23 13.37
N ARG D 43 -13.95 34.51 13.17
CA ARG D 43 -13.70 35.53 14.17
C ARG D 43 -14.56 35.24 15.39
N TRP D 44 -15.80 34.85 15.14
CA TRP D 44 -16.72 34.51 16.22
C TRP D 44 -16.38 33.15 16.79
N PHE D 45 -15.95 32.25 15.93
CA PHE D 45 -15.72 30.87 16.34
C PHE D 45 -14.55 30.73 17.31
N LYS D 46 -13.40 31.31 16.95
CA LYS D 46 -12.22 31.25 17.79
C LYS D 46 -12.53 31.82 19.15
N GLN D 47 -13.35 32.87 19.17
CA GLN D 47 -13.80 33.47 20.41
C GLN D 47 -14.64 32.49 21.20
N TRP D 48 -15.54 31.80 20.51
CA TRP D 48 -16.37 30.79 21.16
C TRP D 48 -15.51 29.69 21.77
N LYS D 49 -14.54 29.21 21.00
CA LYS D 49 -13.65 28.15 21.46
C LYS D 49 -12.89 28.54 22.72
N LYS D 50 -12.49 29.82 22.80
CA LYS D 50 -11.79 30.32 23.97
C LYS D 50 -12.74 30.37 25.16
N TYR D 51 -13.98 30.75 24.90
CA TYR D 51 -15.02 30.83 25.93
C TYR D 51 -15.29 29.45 26.51
N VAL D 52 -15.20 28.44 25.66
CA VAL D 52 -15.56 27.09 26.05
C VAL D 52 -14.31 26.27 26.36
N GLY D 53 -13.16 26.71 25.85
CA GLY D 53 -11.92 25.99 26.01
C GLY D 53 -11.93 24.74 25.16
N PHE D 54 -12.41 24.89 23.93
CA PHE D 54 -12.58 23.76 23.03
C PHE D 54 -11.22 23.19 22.67
N ASP D 55 -10.33 24.07 22.22
CA ASP D 55 -8.95 23.68 22.03
C ASP D 55 -8.25 23.69 23.39
N SER D 56 -7.63 22.57 23.74
CA SER D 56 -7.16 22.31 25.10
C SER D 56 -6.07 23.24 25.65
N TRP D 57 -5.37 23.95 24.78
CA TRP D 57 -4.25 24.78 25.19
C TRP D 57 -4.69 26.17 25.67
N ASP D 58 -5.74 26.70 25.06
CA ASP D 58 -6.36 27.94 25.54
C ASP D 58 -7.46 27.63 26.56
N MET D 59 -7.44 26.40 27.07
CA MET D 59 -8.50 25.92 27.96
C MET D 59 -8.50 26.60 29.33
N TYR D 60 -7.35 27.08 29.77
CA TYR D 60 -7.19 27.70 31.11
C TYR D 60 -8.22 28.78 31.51
N ASN D 61 -8.42 29.76 30.65
CA ASN D 61 -9.31 30.89 30.91
C ASN D 61 -10.63 30.71 30.15
N VAL D 62 -11.69 30.45 30.92
CA VAL D 62 -12.90 29.82 30.38
C VAL D 62 -14.09 30.09 31.29
N GLY D 63 -15.28 30.21 30.71
CA GLY D 63 -16.49 30.48 31.45
C GLY D 63 -16.57 31.96 31.72
N GLU D 64 -15.45 32.63 31.44
CA GLU D 64 -15.31 34.06 31.62
C GLU D 64 -16.28 34.79 30.70
N HIS D 65 -17.12 35.62 31.29
CA HIS D 65 -18.16 36.30 30.54
C HIS D 65 -17.59 37.29 29.52
N ASN D 66 -16.34 37.70 29.71
CA ASN D 66 -15.70 38.61 28.75
C ASN D 66 -15.45 37.94 27.41
N LEU D 67 -15.26 36.62 27.43
CA LEU D 67 -14.98 35.88 26.21
C LEU D 67 -16.27 35.53 25.45
N PHE D 68 -17.40 35.72 26.13
CA PHE D 68 -18.72 35.57 25.53
C PHE D 68 -18.80 36.36 24.24
N PRO D 69 -19.07 35.68 23.12
CA PRO D 69 -19.09 36.32 21.80
C PRO D 69 -20.46 36.90 21.43
N GLY D 70 -21.46 36.68 22.29
CA GLY D 70 -22.78 37.23 22.08
C GLY D 70 -23.61 36.45 21.07
N PRO D 71 -24.19 37.15 20.10
CA PRO D 71 -24.92 36.48 19.03
C PRO D 71 -23.99 36.02 17.91
N ILE D 72 -24.50 35.22 16.98
CA ILE D 72 -23.67 34.78 15.89
C ILE D 72 -23.64 35.94 14.90
N ASP D 73 -22.43 36.36 14.57
CA ASP D 73 -22.26 37.47 13.62
C ASP D 73 -21.45 37.10 12.41
N ASN D 74 -22.13 36.92 11.28
CA ASN D 74 -21.46 36.63 10.02
C ASN D 74 -21.26 37.87 9.17
N SER D 75 -21.62 39.02 9.72
CA SER D 75 -21.58 40.29 9.00
C SER D 75 -20.26 40.56 8.26
N GLY D 76 -19.18 39.99 8.75
CA GLY D 76 -17.88 40.15 8.12
C GLY D 76 -17.61 39.15 7.02
N LEU D 77 -18.67 38.51 6.55
CA LEU D 77 -18.56 37.51 5.49
C LEU D 77 -19.35 37.97 4.26
N PHE D 78 -20.11 39.03 4.41
CA PHE D 78 -20.92 39.55 3.30
C PHE D 78 -20.23 40.72 2.62
N SER D 79 -20.35 40.77 1.29
CA SER D 79 -19.85 41.90 0.53
C SER D 79 -20.84 43.06 0.64
N ASP D 80 -22.11 42.72 0.74
CA ASP D 80 -23.19 43.69 0.90
C ASP D 80 -24.07 43.26 2.05
N PRO D 81 -24.24 44.13 3.05
CA PRO D 81 -25.01 43.82 4.25
C PRO D 81 -26.50 43.67 3.95
N GLU D 82 -27.01 44.49 3.05
CA GLU D 82 -28.39 44.41 2.61
C GLU D 82 -28.63 43.14 1.78
N SER D 83 -27.68 42.84 0.90
CA SER D 83 -27.84 41.78 -0.09
C SER D 83 -27.62 40.38 0.47
N GLN D 84 -26.87 40.29 1.57
CA GLN D 84 -26.54 39.01 2.22
C GLN D 84 -25.72 38.06 1.33
N THR D 85 -25.09 38.63 0.31
CA THR D 85 -24.20 37.86 -0.57
C THR D 85 -22.83 37.72 0.07
N LEU D 86 -22.28 36.49 0.09
CA LEU D 86 -20.95 36.26 0.66
C LEU D 86 -19.84 36.97 -0.10
N LYS D 87 -18.64 37.01 0.49
CA LYS D 87 -17.53 37.70 -0.15
C LYS D 87 -17.00 36.91 -1.34
N GLU D 88 -16.17 37.55 -2.14
CA GLU D 88 -15.70 36.96 -3.39
C GLU D 88 -14.64 35.88 -3.18
N HIS D 89 -13.75 36.09 -2.23
CA HIS D 89 -12.66 35.15 -1.99
C HIS D 89 -12.50 34.86 -0.50
N LEU D 90 -12.85 33.65 -0.09
CA LEU D 90 -12.76 33.26 1.31
C LEU D 90 -12.05 31.94 1.50
N ILE D 91 -11.40 31.78 2.65
CA ILE D 91 -10.69 30.55 2.94
C ILE D 91 -11.22 29.89 4.21
N ASP D 92 -11.54 28.61 4.11
CA ASP D 92 -12.04 27.88 5.27
C ASP D 92 -10.95 27.78 6.34
N GLU D 93 -11.38 27.54 7.57
CA GLU D 93 -10.46 27.40 8.70
C GLU D 93 -9.55 28.62 8.88
N LEU D 94 -9.91 29.71 8.22
CA LEU D 94 -9.21 30.98 8.37
C LEU D 94 -10.24 32.10 8.44
N ASP D 95 -10.87 32.41 7.31
CA ASP D 95 -11.92 33.42 7.27
C ASP D 95 -13.22 32.87 7.88
N TYR D 96 -13.46 31.57 7.68
CA TYR D 96 -14.65 30.94 8.24
C TYR D 96 -14.42 29.53 8.79
N VAL D 97 -15.48 28.95 9.35
CA VAL D 97 -15.41 27.64 9.96
C VAL D 97 -16.69 26.87 9.63
N LEU D 98 -16.55 25.74 8.95
CA LEU D 98 -17.71 24.98 8.50
C LEU D 98 -18.11 23.94 9.53
N VAL D 99 -19.39 23.93 9.90
CA VAL D 99 -19.88 23.00 10.89
C VAL D 99 -21.08 22.24 10.34
N PRO D 100 -21.30 21.02 10.84
CA PRO D 100 -22.46 20.23 10.40
C PRO D 100 -23.78 20.86 10.81
N THR D 101 -24.89 20.31 10.32
CA THR D 101 -26.20 20.88 10.60
C THR D 101 -26.54 20.87 12.09
N GLU D 102 -26.37 19.71 12.73
CA GLU D 102 -26.73 19.60 14.14
C GLU D 102 -25.82 20.43 15.04
N ALA D 103 -24.66 20.80 14.54
CA ALA D 103 -23.76 21.67 15.29
C ALA D 103 -24.31 23.09 15.21
N TRP D 104 -24.86 23.42 14.05
CA TRP D 104 -25.43 24.74 13.81
C TRP D 104 -26.70 24.95 14.64
N ASN D 105 -27.57 23.96 14.68
CA ASN D 105 -28.81 24.03 15.45
C ASN D 105 -28.55 24.24 16.93
N LYS D 106 -27.56 23.50 17.44
CA LYS D 106 -27.17 23.63 18.83
C LYS D 106 -26.57 25.03 19.10
N LEU D 107 -25.72 25.49 18.19
CA LEU D 107 -25.14 26.83 18.31
C LEU D 107 -26.20 27.92 18.21
N LEU D 108 -27.25 27.67 17.45
CA LEU D 108 -28.33 28.65 17.31
C LEU D 108 -29.26 28.60 18.53
N ASN D 109 -29.46 27.40 19.07
CA ASN D 109 -30.24 27.24 20.29
C ASN D 109 -29.49 27.83 21.48
N TRP D 110 -28.19 27.57 21.53
CA TRP D 110 -27.33 28.12 22.55
C TRP D 110 -27.22 29.64 22.41
N TYR D 111 -26.89 30.09 21.21
CA TYR D 111 -26.58 31.49 20.96
C TYR D 111 -27.53 32.06 19.91
N GLY D 112 -28.02 33.27 20.16
CA GLY D 112 -28.89 33.92 19.19
C GLY D 112 -28.11 34.39 17.98
N CYS D 113 -28.81 34.92 16.99
CA CYS D 113 -28.15 35.46 15.79
C CYS D 113 -28.47 36.94 15.59
N VAL D 114 -27.57 37.65 14.92
CA VAL D 114 -27.82 39.04 14.55
C VAL D 114 -29.04 39.11 13.65
N GLU D 115 -29.96 40.01 13.96
CA GLU D 115 -31.21 40.11 13.22
C GLU D 115 -30.97 40.52 11.77
N GLY D 116 -31.66 39.84 10.85
CA GLY D 116 -31.48 40.07 9.44
C GLY D 116 -30.66 38.96 8.82
N GLN D 117 -29.72 38.41 9.59
CA GLN D 117 -28.83 37.37 9.11
C GLN D 117 -29.52 36.02 8.95
N GLN D 118 -29.40 35.47 7.74
CA GLN D 118 -29.91 34.15 7.42
C GLN D 118 -28.79 33.12 7.55
N PRO D 119 -29.15 31.86 7.86
CA PRO D 119 -28.15 30.79 7.89
C PRO D 119 -27.44 30.70 6.55
N ILE D 120 -26.14 30.43 6.58
CA ILE D 120 -25.41 30.23 5.35
C ILE D 120 -25.33 28.73 5.20
N VAL D 121 -26.08 28.20 4.24
CA VAL D 121 -26.07 26.76 4.01
C VAL D 121 -25.26 26.40 2.78
N ARG D 122 -24.35 25.45 2.95
CA ARG D 122 -23.57 24.93 1.84
C ARG D 122 -23.70 23.42 1.79
N LYS D 123 -23.79 22.87 0.59
CA LYS D 123 -23.93 21.44 0.41
C LYS D 123 -22.58 20.81 0.13
N VAL D 124 -22.44 19.53 0.44
CA VAL D 124 -21.18 18.84 0.19
C VAL D 124 -21.29 18.02 -1.07
N VAL D 125 -20.48 18.37 -2.07
CA VAL D 125 -20.43 17.61 -3.30
C VAL D 125 -18.99 17.25 -3.63
N GLU D 126 -18.79 16.04 -4.13
CA GLU D 126 -17.44 15.57 -4.45
C GLU D 126 -16.99 16.02 -5.82
N HIS D 127 -15.83 16.67 -5.83
CA HIS D 127 -15.25 17.15 -7.05
C HIS D 127 -13.81 16.71 -7.14
N GLY D 128 -13.52 15.93 -8.18
CA GLY D 128 -12.18 15.50 -8.46
C GLY D 128 -11.88 15.59 -9.94
N LEU D 129 -10.86 16.34 -10.31
CA LEU D 129 -10.44 16.38 -11.70
C LEU D 129 -9.84 15.06 -12.03
N PHE D 130 -9.09 14.51 -11.09
CA PHE D 130 -8.44 13.24 -11.26
C PHE D 130 -8.81 12.38 -10.10
N VAL D 131 -8.35 12.78 -8.93
CA VAL D 131 -8.72 12.09 -7.71
C VAL D 131 -9.96 12.74 -7.12
N LYS D 132 -11.08 12.03 -7.15
CA LYS D 132 -12.32 12.61 -6.64
C LYS D 132 -12.31 12.65 -5.12
N HIS D 133 -12.67 13.81 -4.56
CA HIS D 133 -12.72 13.99 -3.12
C HIS D 133 -13.93 14.85 -2.73
N CYS D 134 -14.50 14.59 -1.56
CA CYS D 134 -15.66 15.33 -1.10
C CYS D 134 -15.28 16.71 -0.58
N LYS D 135 -16.15 17.68 -0.81
CA LYS D 135 -15.95 19.04 -0.32
C LYS D 135 -17.26 19.84 -0.37
N VAL D 136 -17.32 20.91 0.41
CA VAL D 136 -18.47 21.81 0.47
C VAL D 136 -18.48 22.77 -0.72
N GLU D 137 -19.55 22.75 -1.51
CA GLU D 137 -19.66 23.61 -2.67
C GLU D 137 -19.88 25.07 -2.27
N VAL D 138 -18.79 25.75 -1.93
CA VAL D 138 -18.80 27.18 -1.69
C VAL D 138 -18.39 27.82 -2.99
N TYR D 139 -18.90 29.03 -3.26
CA TYR D 139 -18.66 29.73 -4.51
C TYR D 139 -19.15 28.86 -5.66
N LEU D 140 -20.46 28.65 -5.69
CA LEU D 140 -21.09 27.85 -6.74
C LEU D 140 -20.65 28.35 -8.10
N LEU D 141 -20.62 27.42 -9.05
CA LEU D 141 -20.06 27.67 -10.37
C LEU D 141 -20.77 28.81 -11.10
N GLU D 142 -20.00 29.62 -11.83
CA GLU D 142 -20.57 30.68 -12.67
C GLU D 142 -20.09 30.51 -14.10
N LEU D 143 -21.02 30.23 -15.02
CA LEU D 143 -20.69 30.12 -16.44
C LEU D 143 -21.20 31.31 -17.24
N LYS D 144 -20.49 31.63 -18.31
CA LYS D 144 -20.86 32.74 -19.19
C LYS D 144 -21.50 32.20 -20.46
N LEU D 145 -22.81 32.04 -20.42
CA LEU D 145 -23.57 31.39 -21.49
C LEU D 145 -24.02 32.34 -22.60
N CYS D 146 -24.10 31.83 -23.83
CA CYS D 146 -24.47 32.65 -24.98
C CYS D 146 -25.07 31.83 -26.12
N GLU D 147 -25.61 32.53 -27.12
CA GLU D 147 -26.14 31.91 -28.32
C GLU D 147 -25.15 32.09 -29.46
N ASN D 148 -25.26 31.25 -30.50
CA ASN D 148 -24.37 31.34 -31.66
C ASN D 148 -24.55 32.65 -32.44
N SER D 149 -25.80 33.05 -32.63
CA SER D 149 -26.11 34.26 -33.39
C SER D 149 -26.17 35.48 -32.47
N ASP D 150 -25.58 35.36 -31.29
CA ASP D 150 -25.59 36.45 -30.32
C ASP D 150 -24.46 36.28 -29.29
N PRO D 151 -23.21 36.50 -29.71
CA PRO D 151 -22.09 36.40 -28.76
C PRO D 151 -22.06 37.58 -27.78
N THR D 152 -22.68 38.69 -28.16
CA THR D 152 -22.72 39.88 -27.33
C THR D 152 -23.68 39.76 -26.14
N ASN D 153 -24.63 38.83 -26.24
CA ASN D 153 -25.50 38.52 -25.10
C ASN D 153 -24.98 37.35 -24.29
N VAL D 154 -24.03 37.64 -23.41
CA VAL D 154 -23.48 36.63 -22.50
C VAL D 154 -24.03 36.82 -21.09
N LEU D 155 -24.85 35.87 -20.65
CA LEU D 155 -25.38 35.88 -19.29
C LEU D 155 -24.48 35.10 -18.35
N SER D 156 -24.85 35.05 -17.08
CA SER D 156 -24.08 34.33 -16.08
C SER D 156 -24.97 33.74 -15.00
N CYS D 157 -25.20 32.43 -15.09
CA CYS D 157 -26.00 31.73 -14.10
C CYS D 157 -25.09 30.94 -13.16
N HIS D 158 -25.67 30.43 -12.07
CA HIS D 158 -24.90 29.68 -11.10
C HIS D 158 -25.39 28.25 -10.93
N PHE D 159 -24.49 27.29 -11.14
CA PHE D 159 -24.80 25.86 -11.07
C PHE D 159 -23.95 25.16 -10.02
N SER D 160 -24.42 24.00 -9.58
CA SER D 160 -23.64 23.15 -8.69
C SER D 160 -22.73 22.30 -9.56
N LYS D 161 -21.67 21.76 -8.97
CA LYS D 161 -20.80 20.85 -9.71
C LYS D 161 -21.55 19.55 -9.99
N ALA D 162 -22.41 19.15 -9.05
CA ALA D 162 -23.19 17.92 -9.17
C ALA D 162 -24.26 18.00 -10.26
N ASP D 163 -24.47 19.20 -10.79
CA ASP D 163 -25.42 19.39 -11.89
C ASP D 163 -24.89 18.74 -13.17
N THR D 164 -25.81 18.43 -14.09
CA THR D 164 -25.46 17.69 -15.30
C THR D 164 -25.28 18.62 -16.50
N ILE D 165 -24.72 18.07 -17.56
CA ILE D 165 -24.58 18.80 -18.80
C ILE D 165 -26.01 19.05 -19.31
N ALA D 166 -26.86 18.05 -19.10
CA ALA D 166 -28.23 18.09 -19.59
C ALA D 166 -29.03 19.15 -18.84
N THR D 167 -28.70 19.34 -17.57
CA THR D 167 -29.37 20.33 -16.73
C THR D 167 -29.17 21.76 -17.25
N ILE D 168 -27.91 22.08 -17.59
CA ILE D 168 -27.58 23.40 -18.12
C ILE D 168 -28.30 23.62 -19.46
N GLU D 169 -28.33 22.57 -20.28
CA GLU D 169 -29.01 22.63 -21.57
C GLU D 169 -30.47 23.04 -21.40
N LYS D 170 -31.13 22.46 -20.40
CA LYS D 170 -32.51 22.81 -20.08
C LYS D 170 -32.64 24.26 -19.65
N GLU D 171 -31.58 24.80 -19.05
CA GLU D 171 -31.54 26.22 -18.70
C GLU D 171 -31.20 27.07 -19.92
N MET D 172 -30.25 26.59 -20.73
CA MET D 172 -29.91 27.23 -21.99
C MET D 172 -31.17 27.30 -22.85
N ARG D 173 -31.83 26.16 -22.98
CA ARG D 173 -33.06 26.03 -23.77
C ARG D 173 -34.19 26.91 -23.25
N LYS D 174 -34.40 26.89 -21.94
CA LYS D 174 -35.49 27.65 -21.34
C LYS D 174 -35.30 29.16 -21.48
N LEU D 175 -34.09 29.65 -21.21
CA LEU D 175 -33.92 31.09 -21.18
C LEU D 175 -33.88 31.69 -22.58
N PHE D 176 -33.14 31.04 -23.46
CA PHE D 176 -33.04 31.42 -24.87
C PHE D 176 -34.36 31.33 -25.66
N ASN D 177 -35.39 30.77 -25.03
CA ASN D 177 -36.71 30.62 -25.64
C ASN D 177 -36.77 29.75 -26.90
N ILE D 178 -36.47 28.46 -26.74
CA ILE D 178 -36.55 27.53 -27.85
C ILE D 178 -37.38 26.28 -27.54
N PRO D 179 -38.32 25.95 -28.41
CA PRO D 179 -39.10 24.71 -28.26
C PRO D 179 -38.20 23.48 -28.32
N ALA D 180 -38.51 22.49 -27.47
CA ALA D 180 -37.62 21.36 -27.26
C ALA D 180 -37.33 20.51 -28.50
N GLU D 181 -38.32 20.37 -29.39
CA GLU D 181 -38.24 19.41 -30.51
C GLU D 181 -37.02 19.55 -31.41
N ARG D 182 -36.48 20.76 -31.53
CA ARG D 182 -35.32 20.98 -32.39
C ARG D 182 -34.02 20.55 -31.71
N GLU D 183 -33.04 20.21 -32.53
CA GLU D 183 -31.78 19.66 -32.04
C GLU D 183 -30.84 20.74 -31.50
N THR D 184 -30.05 20.37 -30.48
CA THR D 184 -29.13 21.30 -29.84
C THR D 184 -27.74 20.67 -29.68
N ARG D 185 -26.70 21.49 -29.89
CA ARG D 185 -25.32 21.07 -29.65
C ARG D 185 -24.60 22.12 -28.81
N LEU D 186 -23.58 21.69 -28.06
CA LEU D 186 -22.86 22.59 -27.17
C LEU D 186 -21.38 22.66 -27.53
N TRP D 187 -20.79 23.85 -27.42
CA TRP D 187 -19.39 24.05 -27.82
C TRP D 187 -18.52 24.58 -26.69
N ASN D 188 -17.61 23.73 -26.19
CA ASN D 188 -16.69 24.12 -25.14
C ASN D 188 -15.29 24.44 -25.66
N LYS D 189 -14.93 25.73 -25.63
CA LYS D 189 -13.57 26.13 -25.95
C LYS D 189 -12.95 26.85 -24.76
N TYR D 190 -12.11 26.13 -24.02
CA TYR D 190 -11.42 26.70 -22.88
C TYR D 190 -9.92 26.64 -23.10
N MET D 191 -9.31 27.80 -23.33
CA MET D 191 -7.88 27.95 -23.66
C MET D 191 -7.41 27.03 -24.79
N SER D 192 -8.36 26.49 -25.55
CA SER D 192 -8.06 25.49 -26.57
C SER D 192 -7.90 26.09 -27.96
N ASN D 193 -8.39 27.32 -28.15
CA ASN D 193 -8.36 28.01 -29.44
C ASN D 193 -9.15 27.31 -30.54
N THR D 194 -9.94 26.31 -30.16
CA THR D 194 -10.79 25.58 -31.09
C THR D 194 -11.98 24.96 -30.35
N TYR D 195 -13.10 24.82 -31.04
CA TYR D 195 -14.33 24.34 -30.43
C TYR D 195 -14.35 22.81 -30.25
N GLU D 196 -14.76 22.37 -29.06
CA GLU D 196 -14.86 20.95 -28.76
C GLU D 196 -16.26 20.63 -28.23
N GLN D 197 -16.99 19.78 -28.96
CA GLN D 197 -18.40 19.53 -28.68
C GLN D 197 -18.65 18.68 -27.44
N LEU D 198 -19.59 19.13 -26.60
CA LEU D 198 -20.08 18.34 -25.48
C LEU D 198 -21.22 17.48 -26.00
N SER D 199 -21.27 16.22 -25.57
CA SER D 199 -22.30 15.31 -26.07
C SER D 199 -22.98 14.53 -24.95
N LYS D 200 -22.19 13.97 -24.05
CA LYS D 200 -22.73 13.14 -22.97
C LYS D 200 -23.65 13.97 -22.07
N LEU D 201 -24.90 13.53 -21.96
CA LEU D 201 -25.93 14.26 -21.22
C LEU D 201 -25.93 13.91 -19.72
N ASP D 202 -25.53 12.69 -19.39
CA ASP D 202 -25.63 12.19 -18.03
C ASP D 202 -24.58 12.77 -17.09
N ASN D 203 -23.32 12.69 -17.50
CA ASN D 203 -22.20 13.09 -16.66
C ASN D 203 -22.30 14.51 -16.12
N THR D 204 -21.71 14.72 -14.94
CA THR D 204 -21.81 15.99 -14.23
C THR D 204 -20.91 17.07 -14.84
N VAL D 205 -20.67 18.13 -14.08
CA VAL D 205 -19.87 19.24 -14.56
C VAL D 205 -18.37 19.03 -14.28
N GLN D 206 -18.06 18.61 -13.06
CA GLN D 206 -16.66 18.46 -12.65
C GLN D 206 -15.96 17.35 -13.42
N ASP D 207 -16.74 16.44 -13.98
CA ASP D 207 -16.19 15.37 -14.79
C ASP D 207 -15.80 15.89 -16.17
N ALA D 208 -16.47 16.95 -16.60
CA ALA D 208 -16.17 17.59 -17.89
C ALA D 208 -15.01 18.57 -17.76
N GLY D 209 -14.52 18.75 -16.54
CA GLY D 209 -13.39 19.61 -16.28
C GLY D 209 -13.70 21.07 -16.62
N LEU D 210 -14.83 21.55 -16.13
CA LEU D 210 -15.25 22.92 -16.40
C LEU D 210 -14.80 23.87 -15.29
N TYR D 211 -14.37 25.07 -15.68
CA TYR D 211 -13.85 26.06 -14.74
C TYR D 211 -14.82 27.22 -14.55
N GLN D 212 -14.62 27.99 -13.49
CA GLN D 212 -15.48 29.14 -13.18
C GLN D 212 -15.27 30.28 -14.18
N GLY D 213 -16.37 30.91 -14.59
CA GLY D 213 -16.30 32.05 -15.49
C GLY D 213 -16.05 31.68 -16.94
N GLN D 214 -16.12 30.39 -17.26
CA GLN D 214 -15.94 29.93 -18.64
C GLN D 214 -17.04 30.44 -19.55
N VAL D 215 -16.74 30.46 -20.85
CA VAL D 215 -17.73 30.84 -21.86
C VAL D 215 -18.19 29.61 -22.65
N LEU D 216 -19.50 29.41 -22.71
CA LEU D 216 -20.07 28.24 -23.36
C LEU D 216 -21.18 28.65 -24.33
N VAL D 217 -21.27 27.93 -25.45
CA VAL D 217 -22.20 28.29 -26.52
C VAL D 217 -23.05 27.11 -27.01
N ILE D 218 -24.35 27.38 -27.18
CA ILE D 218 -25.33 26.39 -27.63
C ILE D 218 -25.87 26.74 -29.02
N GLU D 219 -26.17 25.73 -29.82
CA GLU D 219 -26.59 25.95 -31.21
C GLU D 219 -27.92 25.25 -31.51
N PRO D 220 -28.87 26.01 -32.04
CA PRO D 220 -30.20 25.46 -32.37
C PRO D 220 -30.19 24.76 -33.74
N GLN D 221 -31.30 24.14 -34.09
CA GLN D 221 -31.42 23.44 -35.37
C GLN D 221 -31.99 24.34 -36.44
#